data_6QIE
#
_entry.id   6QIE
#
_cell.length_a   88.640
_cell.length_b   102.980
_cell.length_c   118.920
_cell.angle_alpha   90.000
_cell.angle_beta   90.000
_cell.angle_gamma   90.000
#
_symmetry.space_group_name_H-M   'P 21 21 21'
#
loop_
_entity.id
_entity.type
_entity.pdbx_description
1 polymer Prp43
2 non-polymer (4S)-2-METHYL-2,4-PENTANEDIOL
3 non-polymer "ADENOSINE-5'-DIPHOSPHATE"
4 non-polymer 'CHLORIDE ION'
5 non-polymer 'SULFATE ION'
6 non-polymer 'MAGNESIUM ION'
7 non-polymer 'BERYLLIUM TRIFLUORIDE ION'
8 water water
#
_entity_poly.entity_id   1
_entity_poly.type   'polypeptide(L)'
_entity_poly.pdbx_seq_one_letter_code
;GTTAKQAEAVEDSDINPWTGQRHSERYFKILKARRKLPVNKQRQEFLDLYHNNQILVFVGETGSGKTTQIPQYVLYDELP
HQTGKLIACTQPRRVAAMSVAQRVADELDVKLGEEVGYSIRFENKTSSKTLLKYMTDGQLLREAMHDRDMSRYSCIILDE
AHERTLATDILMALLKQLSERRKDLKIIVMSATLDAQKFQSYFFNAPLLAVPGRTHPVEIFYTPEAERDYVEAAIRTVLQ
IHACEPEGDILLFLTGEEEIEDACRRISLEVDEMIRESDAGPMSVYPLYGTLPPHQQQRIFEKAPQPFRPGGRPGRKCIV
ATNIAETGLTIDGIVYVVDPGFSKQKIYNPRTRVESLLVSPISKASAQQRAGRAGRTRPGKCFRLYTEEAFKKELIEQTY
PEILRSNLSNTVLELKKLGVEDLVHFDLMDPPAPETMMRALEELNYLACLDDDGELTPLGNLASEFPLDPALAVMLISSP
EFYCSNEILSITSLLSVPQIWVRPANARKRADEMKAQFAHPDGDHLTLLNAYHAYKGAEARGEDMKKWCHEHFLSYRHLS
SADNVRAQLKKIMETHGIELVSTPFHDKNYYTNIRRALLAGFFMQVAMRESSNSKVYKTVKDEQLVLIHPSTTVTTPYEW
VVYNEFVLTTKQYVRTVTNIRPEWLLEIAPVYYDLSTFQKGEIKNALTRVAEKIRRQQAMKASKA
;
_entity_poly.pdbx_strand_id   A
#
# COMPACT_ATOMS: atom_id res chain seq x y z
N GLY A 1 27.56 -23.63 21.72
CA GLY A 1 26.46 -24.60 21.67
C GLY A 1 25.58 -24.53 22.91
N THR A 2 24.82 -23.43 23.06
CA THR A 2 23.90 -23.20 24.15
C THR A 2 22.57 -23.89 23.85
N THR A 3 22.12 -24.73 24.77
CA THR A 3 20.92 -25.52 24.53
C THR A 3 19.68 -24.82 25.04
N ALA A 4 18.52 -25.42 24.72
CA ALA A 4 17.25 -24.86 25.15
C ALA A 4 17.07 -25.01 26.66
N LYS A 5 17.50 -26.14 27.21
CA LYS A 5 17.39 -26.36 28.64
C LYS A 5 18.37 -25.49 29.40
N GLN A 6 19.48 -25.14 28.76
CA GLN A 6 20.39 -24.14 29.34
C GLN A 6 19.74 -22.78 29.39
N ALA A 7 18.99 -22.42 28.34
CA ALA A 7 18.36 -21.11 28.31
C ALA A 7 17.14 -21.05 29.21
N GLU A 8 16.42 -22.17 29.34
CA GLU A 8 15.26 -22.24 30.22
C GLU A 8 15.66 -22.05 31.67
N ALA A 9 16.88 -22.46 32.01
CA ALA A 9 17.37 -22.26 33.37
C ALA A 9 17.66 -20.79 33.64
N VAL A 10 18.05 -20.04 32.61
CA VAL A 10 18.24 -18.61 32.77
C VAL A 10 16.89 -17.91 32.83
N GLU A 11 15.92 -18.44 32.08
CA GLU A 11 14.56 -17.88 32.13
C GLU A 11 13.91 -18.12 33.48
N ASP A 12 14.26 -19.23 34.13
CA ASP A 12 13.69 -19.54 35.44
C ASP A 12 14.37 -18.80 36.58
N SER A 13 15.40 -18.03 36.29
CA SER A 13 16.19 -17.41 37.35
C SER A 13 15.46 -16.25 37.98
N ASP A 14 15.88 -15.90 39.19
CA ASP A 14 15.28 -14.77 39.89
C ASP A 14 15.72 -13.46 39.28
N ILE A 15 16.93 -13.40 38.77
CA ILE A 15 17.53 -12.18 38.26
C ILE A 15 17.32 -12.09 36.76
N ASN A 16 16.89 -10.92 36.30
CA ASN A 16 16.84 -10.66 34.87
C ASN A 16 18.26 -10.60 34.34
N PRO A 17 18.63 -11.44 33.37
CA PRO A 17 20.00 -11.38 32.85
C PRO A 17 20.26 -10.18 31.97
N TRP A 18 19.21 -9.51 31.52
CA TRP A 18 19.39 -8.40 30.59
C TRP A 18 19.45 -7.08 31.34
N THR A 19 18.75 -6.98 32.47
CA THR A 19 18.74 -5.75 33.25
C THR A 19 19.48 -5.88 34.58
N GLY A 20 19.63 -7.08 35.11
CA GLY A 20 20.21 -7.23 36.42
C GLY A 20 19.25 -7.05 37.57
N GLN A 21 17.98 -6.87 37.28
CA GLN A 21 16.97 -6.67 38.32
C GLN A 21 16.23 -7.96 38.59
N ARG A 22 15.45 -7.95 39.66
CA ARG A 22 14.67 -9.11 40.03
C ARG A 22 13.49 -9.29 39.09
N HIS A 23 13.27 -10.52 38.66
CA HIS A 23 12.12 -10.84 37.83
C HIS A 23 10.83 -10.65 38.61
N SER A 24 9.81 -10.17 37.91
CA SER A 24 8.52 -9.90 38.51
C SER A 24 7.68 -11.18 38.54
N GLU A 25 6.64 -11.15 39.36
CA GLU A 25 5.74 -12.29 39.44
C GLU A 25 4.91 -12.41 38.17
N ARG A 26 4.68 -11.29 37.48
CA ARG A 26 3.98 -11.34 36.21
C ARG A 26 4.81 -12.05 35.16
N TYR A 27 6.14 -11.92 35.24
CA TYR A 27 7.01 -12.57 34.28
C TYR A 27 6.92 -14.09 34.38
N PHE A 28 6.83 -14.61 35.61
CA PHE A 28 6.78 -16.05 35.79
C PHE A 28 5.43 -16.61 35.40
N LYS A 29 4.36 -15.83 35.61
CA LYS A 29 3.03 -16.26 35.21
C LYS A 29 2.90 -16.29 33.70
N ILE A 30 3.58 -15.38 33.02
CA ILE A 30 3.58 -15.40 31.56
C ILE A 30 4.46 -16.53 31.04
N LEU A 31 5.61 -16.75 31.71
CA LEU A 31 6.57 -17.76 31.26
C LEU A 31 6.00 -19.17 31.41
N LYS A 32 5.18 -19.38 32.44
CA LYS A 32 4.55 -20.69 32.62
C LYS A 32 3.54 -20.96 31.51
N ALA A 33 2.90 -19.92 31.00
CA ALA A 33 1.94 -20.09 29.92
C ALA A 33 2.63 -20.09 28.56
N ARG A 34 3.81 -19.48 28.47
CA ARG A 34 4.56 -19.45 27.23
C ARG A 34 5.07 -20.83 26.87
N ARG A 35 5.35 -21.67 27.87
CA ARG A 35 5.98 -22.94 27.60
C ARG A 35 4.97 -24.00 27.20
N LYS A 36 3.68 -23.67 27.28
CA LYS A 36 2.65 -24.57 26.77
C LYS A 36 2.36 -24.33 25.29
N LEU A 37 3.10 -23.43 24.66
CA LEU A 37 2.89 -23.14 23.25
C LEU A 37 3.50 -24.24 22.40
N PRO A 38 2.95 -24.48 21.20
CA PRO A 38 3.47 -25.58 20.37
C PRO A 38 4.86 -25.37 19.81
N VAL A 39 5.40 -24.15 19.86
CA VAL A 39 6.76 -23.97 19.37
C VAL A 39 7.77 -24.33 20.45
N ASN A 40 7.32 -24.46 21.70
CA ASN A 40 8.25 -24.63 22.80
C ASN A 40 8.74 -26.07 22.89
N LYS A 41 7.96 -27.02 22.39
CA LYS A 41 8.40 -28.40 22.37
C LYS A 41 9.47 -28.63 21.31
N GLN A 42 9.54 -27.75 20.31
CA GLN A 42 10.54 -27.82 19.27
C GLN A 42 11.53 -26.67 19.33
N ARG A 43 11.86 -26.21 20.54
CA ARG A 43 12.85 -25.15 20.67
C ARG A 43 14.25 -25.66 20.35
N GLN A 44 14.56 -26.89 20.75
CA GLN A 44 15.88 -27.44 20.46
C GLN A 44 16.00 -27.82 18.99
N GLU A 45 14.90 -28.27 18.37
CA GLU A 45 14.93 -28.53 16.94
C GLU A 45 15.09 -27.25 16.15
N PHE A 46 14.58 -26.14 16.69
CA PHE A 46 14.82 -24.84 16.06
C PHE A 46 16.26 -24.43 16.16
N LEU A 47 16.86 -24.61 17.34
CA LEU A 47 18.23 -24.17 17.55
C LEU A 47 19.22 -25.03 16.78
N ASP A 48 18.88 -26.30 16.56
CA ASP A 48 19.73 -27.16 15.76
C ASP A 48 19.70 -26.73 14.30
N LEU A 49 18.54 -26.28 13.83
CA LEU A 49 18.42 -25.85 12.45
C LEU A 49 19.01 -24.45 12.26
N TYR A 50 19.00 -23.66 13.32
CA TYR A 50 19.46 -22.27 13.24
C TYR A 50 20.99 -22.20 13.27
N HIS A 51 21.63 -23.10 14.00
CA HIS A 51 23.09 -23.06 14.08
C HIS A 51 23.74 -23.61 12.81
N ASN A 52 23.04 -24.48 12.11
CA ASN A 52 23.61 -25.19 10.97
C ASN A 52 23.18 -24.63 9.62
N ASN A 53 22.23 -23.69 9.59
CA ASN A 53 21.74 -23.15 8.35
C ASN A 53 21.70 -21.64 8.43
N GLN A 54 22.00 -20.96 7.32
CA GLN A 54 21.99 -19.50 7.31
C GLN A 54 20.58 -18.95 7.18
N ILE A 55 19.78 -19.54 6.29
CA ILE A 55 18.41 -19.11 6.06
C ILE A 55 17.48 -20.24 6.45
N LEU A 56 16.45 -19.90 7.22
CA LEU A 56 15.53 -20.85 7.82
C LEU A 56 14.10 -20.48 7.48
N VAL A 57 13.29 -21.48 7.18
CA VAL A 57 11.85 -21.29 6.95
C VAL A 57 11.09 -21.94 8.10
N PHE A 58 10.20 -21.18 8.71
CA PHE A 58 9.43 -21.63 9.87
C PHE A 58 7.95 -21.56 9.53
N VAL A 59 7.22 -22.63 9.80
CA VAL A 59 5.77 -22.59 9.69
C VAL A 59 5.15 -23.16 10.95
N GLY A 60 3.94 -22.70 11.23
CA GLY A 60 3.20 -23.16 12.39
C GLY A 60 1.83 -22.52 12.31
N GLU A 61 0.93 -23.05 13.13
CA GLU A 61 -0.45 -22.56 13.11
C GLU A 61 -0.54 -21.17 13.71
N THR A 62 -1.66 -20.51 13.46
CA THR A 62 -1.89 -19.18 14.00
C THR A 62 -2.03 -19.24 15.51
N GLY A 63 -1.09 -18.59 16.20
CA GLY A 63 -1.05 -18.61 17.63
C GLY A 63 -0.07 -19.60 18.22
N SER A 64 0.83 -20.15 17.40
CA SER A 64 1.78 -21.14 17.89
C SER A 64 2.84 -20.50 18.77
N GLY A 65 3.22 -19.28 18.46
CA GLY A 65 4.31 -18.64 19.17
C GLY A 65 5.44 -18.25 18.27
N LYS A 66 5.14 -18.01 16.99
CA LYS A 66 6.20 -17.67 16.03
C LYS A 66 6.75 -16.29 16.30
N THR A 67 5.89 -15.28 16.35
CA THR A 67 6.32 -13.90 16.48
C THR A 67 6.88 -13.63 17.87
N THR A 68 6.31 -14.27 18.89
CA THR A 68 6.62 -13.89 20.25
C THR A 68 7.80 -14.65 20.82
N GLN A 69 7.95 -15.93 20.46
CA GLN A 69 8.94 -16.77 21.10
C GLN A 69 10.23 -16.93 20.32
N ILE A 70 10.13 -17.04 18.99
CA ILE A 70 11.32 -17.29 18.16
C ILE A 70 12.36 -16.17 18.23
N PRO A 71 12.01 -14.86 18.22
CA PRO A 71 13.05 -13.86 18.46
C PRO A 71 13.66 -13.91 19.85
N GLN A 72 12.91 -14.41 20.84
CA GLN A 72 13.49 -14.59 22.16
C GLN A 72 14.37 -15.83 22.21
N TYR A 73 14.04 -16.83 21.39
CA TYR A 73 14.92 -17.98 21.25
C TYR A 73 16.24 -17.57 20.60
N VAL A 74 16.15 -16.66 19.63
CA VAL A 74 17.34 -16.18 18.94
C VAL A 74 18.13 -15.24 19.84
N LEU A 75 17.45 -14.42 20.64
CA LEU A 75 18.11 -13.46 21.50
C LEU A 75 18.92 -14.13 22.61
N TYR A 76 18.43 -15.26 23.12
CA TYR A 76 19.17 -16.00 24.13
C TYR A 76 20.39 -16.67 23.53
N ASP A 77 20.36 -16.93 22.22
CA ASP A 77 21.47 -17.57 21.56
C ASP A 77 22.51 -16.55 21.09
N GLU A 78 22.07 -15.34 20.73
CA GLU A 78 22.94 -14.44 19.97
C GLU A 78 23.78 -13.53 20.85
N LEU A 79 23.37 -13.30 22.10
CA LEU A 79 24.12 -12.37 22.96
C LEU A 79 25.56 -12.80 23.29
N PRO A 80 25.89 -14.08 23.59
CA PRO A 80 27.30 -14.40 23.88
C PRO A 80 28.29 -14.14 22.76
N HIS A 81 27.83 -13.98 21.52
CA HIS A 81 28.75 -13.74 20.41
C HIS A 81 29.31 -12.32 20.44
N GLN A 82 28.69 -11.43 21.24
CA GLN A 82 29.18 -10.07 21.52
C GLN A 82 29.30 -9.22 20.27
N THR A 83 28.36 -9.42 19.34
CA THR A 83 28.45 -8.76 18.04
C THR A 83 28.13 -7.28 18.14
N GLY A 84 27.34 -6.89 19.14
CA GLY A 84 26.82 -5.54 19.21
C GLY A 84 25.70 -5.27 18.23
N LYS A 85 25.23 -6.29 17.52
CA LYS A 85 24.16 -6.13 16.56
C LYS A 85 22.82 -6.43 17.21
N LEU A 86 21.78 -6.40 16.39
CA LEU A 86 20.42 -6.48 16.89
C LEU A 86 19.65 -7.57 16.16
N ILE A 87 18.51 -7.93 16.73
CA ILE A 87 17.61 -8.89 16.12
C ILE A 87 16.43 -8.11 15.55
N ALA A 88 16.07 -8.40 14.31
CA ALA A 88 15.07 -7.65 13.60
C ALA A 88 13.93 -8.56 13.18
N CYS A 89 12.70 -8.18 13.54
CA CYS A 89 11.51 -8.90 13.14
C CYS A 89 10.54 -7.93 12.50
N THR A 90 10.08 -8.25 11.30
CA THR A 90 9.26 -7.34 10.51
C THR A 90 7.80 -7.77 10.53
N GLN A 91 6.92 -6.80 10.78
CA GLN A 91 5.49 -6.98 10.67
C GLN A 91 4.97 -6.05 9.58
N PRO A 92 3.98 -6.45 8.79
CA PRO A 92 3.53 -5.59 7.70
C PRO A 92 2.72 -4.38 8.14
N ARG A 93 2.22 -4.37 9.37
CA ARG A 93 1.36 -3.28 9.83
C ARG A 93 1.97 -2.59 11.03
N ARG A 94 1.65 -1.30 11.17
CA ARG A 94 2.24 -0.51 12.24
C ARG A 94 1.69 -0.89 13.61
N VAL A 95 0.40 -1.23 13.70
CA VAL A 95 -0.17 -1.54 14.99
C VAL A 95 0.24 -2.93 15.43
N ALA A 96 0.59 -3.80 14.49
CA ALA A 96 1.04 -5.14 14.83
C ALA A 96 2.44 -5.10 15.40
N ALA A 97 3.32 -4.26 14.85
CA ALA A 97 4.67 -4.17 15.35
C ALA A 97 4.71 -3.47 16.71
N MET A 98 3.79 -2.53 16.93
CA MET A 98 3.75 -1.82 18.20
C MET A 98 3.20 -2.71 19.31
N SER A 99 2.16 -3.47 19.01
CA SER A 99 1.50 -4.28 20.02
C SER A 99 2.34 -5.48 20.41
N VAL A 100 3.01 -6.08 19.44
CA VAL A 100 3.85 -7.25 19.71
C VAL A 100 5.08 -6.85 20.52
N ALA A 101 5.63 -5.66 20.24
CA ALA A 101 6.80 -5.20 20.97
C ALA A 101 6.48 -4.90 22.42
N GLN A 102 5.27 -4.46 22.71
CA GLN A 102 4.86 -4.29 24.11
C GLN A 102 4.62 -5.64 24.76
N ARG A 103 4.21 -6.63 23.98
CA ARG A 103 3.99 -7.97 24.52
C ARG A 103 5.31 -8.66 24.82
N VAL A 104 6.27 -8.58 23.89
CA VAL A 104 7.55 -9.26 24.06
C VAL A 104 8.38 -8.57 25.14
N ALA A 105 8.21 -7.27 25.30
CA ALA A 105 8.84 -6.58 26.43
C ALA A 105 8.24 -7.03 27.75
N ASP A 106 6.95 -7.36 27.75
CA ASP A 106 6.34 -7.93 28.94
C ASP A 106 6.79 -9.37 29.16
N GLU A 107 7.01 -10.10 28.06
CA GLU A 107 7.46 -11.49 28.18
C GLU A 107 8.90 -11.57 28.66
N LEU A 108 9.69 -10.55 28.37
CA LEU A 108 11.10 -10.53 28.73
C LEU A 108 11.34 -9.73 30.00
N ASP A 109 10.27 -9.16 30.56
CA ASP A 109 10.28 -8.40 31.83
C ASP A 109 11.19 -7.18 31.71
N VAL A 110 11.04 -6.45 30.61
CA VAL A 110 11.78 -5.22 30.32
C VAL A 110 10.81 -4.13 29.91
N LYS A 111 11.27 -2.89 30.00
CA LYS A 111 10.44 -1.74 29.64
C LYS A 111 10.57 -1.45 28.15
N LEU A 112 9.45 -1.18 27.50
CA LEU A 112 9.44 -0.98 26.06
C LEU A 112 10.19 0.27 25.66
N GLY A 113 11.08 0.11 24.69
CA GLY A 113 12.07 1.12 24.37
C GLY A 113 13.45 0.78 24.89
N GLU A 114 13.54 -0.11 25.84
CA GLU A 114 14.90 -0.43 26.30
C GLU A 114 15.38 -1.67 25.53
N GLU A 115 15.44 -2.82 26.16
CA GLU A 115 15.97 -4.03 25.48
C GLU A 115 15.09 -4.47 24.31
N VAL A 116 13.78 -4.24 24.37
CA VAL A 116 12.86 -4.58 23.27
C VAL A 116 12.19 -3.28 22.82
N GLY A 117 12.06 -3.05 21.52
CA GLY A 117 11.44 -1.83 21.05
C GLY A 117 10.85 -2.00 19.67
N TYR A 118 10.18 -0.96 19.20
CA TYR A 118 9.66 -0.96 17.84
C TYR A 118 10.23 0.25 17.10
N SER A 119 10.23 0.12 15.78
CA SER A 119 10.63 1.20 14.90
C SER A 119 9.65 1.25 13.74
N ILE A 120 8.95 2.37 13.62
CA ILE A 120 8.00 2.61 12.55
C ILE A 120 8.42 3.89 11.83
N ARG A 121 7.57 4.33 10.90
CA ARG A 121 7.93 5.39 9.95
C ARG A 121 8.22 6.71 10.65
N PHE A 122 7.39 7.10 11.60
CA PHE A 122 7.59 8.37 12.28
C PHE A 122 7.82 8.22 13.77
N GLU A 123 8.11 7.03 14.25
CA GLU A 123 8.50 6.82 15.63
C GLU A 123 9.57 5.74 15.70
N ASN A 124 10.58 5.96 16.52
CA ASN A 124 11.65 5.00 16.74
C ASN A 124 11.76 4.82 18.24
N LYS A 125 10.94 3.91 18.78
CA LYS A 125 10.95 3.64 20.22
C LYS A 125 12.03 2.60 20.51
N THR A 126 13.27 3.03 20.37
CA THR A 126 14.43 2.24 20.69
C THR A 126 15.38 3.08 21.52
N SER A 127 16.49 2.48 21.93
CA SER A 127 17.51 3.20 22.66
C SER A 127 18.85 2.50 22.44
N SER A 128 19.84 2.90 23.21
CA SER A 128 21.14 2.23 23.18
C SER A 128 21.05 0.83 23.74
N LYS A 129 20.15 0.61 24.70
CA LYS A 129 20.01 -0.68 25.34
C LYS A 129 19.27 -1.68 24.48
N THR A 130 18.71 -1.24 23.34
CA THR A 130 17.81 -2.07 22.56
C THR A 130 18.54 -3.20 21.87
N LEU A 131 18.04 -4.42 22.07
CA LEU A 131 18.60 -5.63 21.50
C LEU A 131 17.67 -6.33 20.53
N LEU A 132 16.37 -6.25 20.77
CA LEU A 132 15.36 -6.84 19.91
C LEU A 132 14.48 -5.72 19.39
N LYS A 133 14.25 -5.69 18.08
CA LYS A 133 13.49 -4.63 17.47
C LYS A 133 12.41 -5.23 16.58
N TYR A 134 11.16 -4.87 16.86
CA TYR A 134 10.03 -5.27 16.05
C TYR A 134 9.64 -4.11 15.16
N MET A 135 10.05 -4.15 13.90
CA MET A 135 9.83 -3.02 13.03
C MET A 135 8.89 -3.42 11.91
N THR A 136 8.64 -2.47 11.01
CA THR A 136 7.88 -2.82 9.82
C THR A 136 8.83 -3.20 8.70
N ASP A 137 8.26 -3.81 7.65
CA ASP A 137 9.09 -4.16 6.51
C ASP A 137 9.48 -2.93 5.72
N GLY A 138 8.66 -1.88 5.78
CA GLY A 138 9.03 -0.63 5.13
C GLY A 138 10.14 0.09 5.88
N GLN A 139 10.13 0.00 7.20
CA GLN A 139 11.14 0.70 7.99
C GLN A 139 12.49 0.04 7.87
N LEU A 140 12.52 -1.29 7.78
CA LEU A 140 13.76 -2.01 7.54
C LEU A 140 14.28 -1.71 6.14
N LEU A 141 13.37 -1.51 5.19
CA LEU A 141 13.78 -1.18 3.83
C LEU A 141 14.31 0.24 3.74
N ARG A 142 13.83 1.13 4.61
CA ARG A 142 14.37 2.48 4.64
C ARG A 142 15.76 2.51 5.24
N GLU A 143 16.02 1.62 6.21
CA GLU A 143 17.35 1.52 6.77
C GLU A 143 18.31 0.85 5.79
N ALA A 144 17.77 0.04 4.89
CA ALA A 144 18.59 -0.62 3.88
C ALA A 144 19.06 0.36 2.82
N MET A 145 18.41 1.53 2.74
CA MET A 145 18.81 2.54 1.78
C MET A 145 20.11 3.21 2.20
N HIS A 146 20.29 3.42 3.50
CA HIS A 146 21.52 4.02 4.00
C HIS A 146 22.55 2.96 4.37
N ASP A 147 22.10 1.74 4.65
CA ASP A 147 22.97 0.64 5.06
C ASP A 147 22.60 -0.57 4.23
N ARG A 148 23.26 -0.73 3.07
CA ARG A 148 22.87 -1.77 2.13
C ARG A 148 23.29 -3.15 2.60
N ASP A 149 24.26 -3.23 3.50
CA ASP A 149 24.69 -4.50 4.05
C ASP A 149 24.01 -4.82 5.37
N MET A 150 23.25 -3.87 5.92
CA MET A 150 22.53 -4.00 7.19
C MET A 150 23.47 -4.40 8.32
N SER A 151 24.43 -3.52 8.60
CA SER A 151 25.51 -3.86 9.53
C SER A 151 25.07 -3.80 10.99
N ARG A 152 23.82 -3.46 11.24
CA ARG A 152 23.36 -3.28 12.61
C ARG A 152 22.60 -4.51 13.11
N TYR A 153 22.35 -5.47 12.24
CA TYR A 153 21.52 -6.62 12.57
C TYR A 153 22.28 -7.91 12.33
N SER A 154 22.20 -8.82 13.31
CA SER A 154 22.82 -10.14 13.16
C SER A 154 21.81 -11.17 12.69
N CYS A 155 20.53 -10.97 12.99
CA CYS A 155 19.47 -11.84 12.51
C CYS A 155 18.33 -10.99 11.99
N ILE A 156 17.81 -11.35 10.82
CA ILE A 156 16.64 -10.64 10.25
C ILE A 156 15.49 -11.63 10.23
N ILE A 157 14.39 -11.34 10.90
CA ILE A 157 13.24 -12.28 10.86
C ILE A 157 12.14 -11.64 10.03
N LEU A 158 11.80 -12.23 8.89
CA LEU A 158 10.73 -11.65 8.05
C LEU A 158 9.40 -12.28 8.45
N ASP A 159 8.78 -11.76 9.49
CA ASP A 159 7.49 -12.35 9.94
C ASP A 159 6.39 -11.99 8.95
N GLU A 160 5.57 -12.97 8.65
CA GLU A 160 4.37 -12.88 7.80
C GLU A 160 4.73 -12.45 6.40
N ALA A 161 5.46 -13.32 5.72
CA ALA A 161 5.81 -13.06 4.32
C ALA A 161 4.68 -13.55 3.43
N HIS A 162 3.59 -14.03 4.01
CA HIS A 162 2.48 -14.55 3.17
C HIS A 162 1.69 -13.41 2.53
N GLU A 163 1.74 -12.22 3.13
CA GLU A 163 0.99 -11.09 2.60
C GLU A 163 1.63 -10.52 1.35
N ARG A 164 2.93 -10.78 1.14
CA ARG A 164 3.65 -10.52 -0.10
C ARG A 164 3.61 -9.05 -0.50
N THR A 165 3.92 -8.20 0.47
CA THR A 165 3.85 -6.77 0.22
C THR A 165 5.02 -6.32 -0.64
N LEU A 166 5.00 -5.04 -0.99
CA LEU A 166 6.05 -4.47 -1.82
C LEU A 166 7.37 -4.44 -1.06
N ALA A 167 7.33 -4.07 0.22
CA ALA A 167 8.55 -4.03 1.02
C ALA A 167 9.05 -5.42 1.33
N THR A 168 8.15 -6.38 1.50
CA THR A 168 8.56 -7.72 1.88
C THR A 168 9.19 -8.47 0.72
N ASP A 169 8.61 -8.35 -0.47
CA ASP A 169 9.17 -9.00 -1.65
C ASP A 169 10.52 -8.42 -2.04
N ILE A 170 10.71 -7.12 -1.79
CA ILE A 170 11.99 -6.48 -2.08
C ILE A 170 13.02 -6.92 -1.05
N LEU A 171 12.63 -7.01 0.22
CA LEU A 171 13.54 -7.41 1.28
C LEU A 171 13.97 -8.86 1.12
N MET A 172 13.10 -9.70 0.57
CA MET A 172 13.47 -11.08 0.32
C MET A 172 14.51 -11.16 -0.80
N ALA A 173 14.39 -10.29 -1.79
CA ALA A 173 15.36 -10.28 -2.88
C ALA A 173 16.69 -9.67 -2.43
N LEU A 174 16.63 -8.69 -1.54
CA LEU A 174 17.85 -8.04 -1.08
C LEU A 174 18.61 -8.93 -0.12
N LEU A 175 17.90 -9.65 0.74
CA LEU A 175 18.57 -10.46 1.74
C LEU A 175 19.12 -11.75 1.14
N LYS A 176 18.51 -12.20 0.04
CA LYS A 176 19.04 -13.37 -0.65
C LYS A 176 20.37 -13.05 -1.31
N GLN A 177 20.51 -11.84 -1.84
CA GLN A 177 21.80 -11.40 -2.34
C GLN A 177 22.79 -11.16 -1.21
N LEU A 178 22.29 -10.62 -0.10
CA LEU A 178 23.15 -10.31 1.03
C LEU A 178 23.62 -11.56 1.75
N SER A 179 22.92 -12.68 1.55
CA SER A 179 23.33 -13.93 2.17
C SER A 179 24.65 -14.44 1.58
N GLU A 180 24.88 -14.21 0.30
CA GLU A 180 26.16 -14.57 -0.30
C GLU A 180 27.24 -13.58 0.10
N ARG A 181 26.86 -12.32 0.34
CA ARG A 181 27.82 -11.30 0.70
C ARG A 181 28.17 -11.35 2.18
N ARG A 182 27.17 -11.58 3.03
CA ARG A 182 27.36 -11.64 4.47
C ARG A 182 27.01 -13.04 4.95
N LYS A 183 27.98 -13.68 5.60
CA LYS A 183 27.74 -14.98 6.20
C LYS A 183 27.54 -14.93 7.69
N ASP A 184 27.73 -13.75 8.29
CA ASP A 184 27.44 -13.55 9.70
C ASP A 184 26.02 -13.06 9.94
N LEU A 185 25.15 -13.19 8.95
CA LEU A 185 23.76 -12.76 9.06
C LEU A 185 22.85 -13.97 8.98
N LYS A 186 21.88 -14.06 9.89
CA LYS A 186 20.90 -15.13 9.91
C LYS A 186 19.58 -14.58 9.39
N ILE A 187 18.87 -15.39 8.62
CA ILE A 187 17.60 -14.99 8.01
C ILE A 187 16.55 -16.03 8.35
N ILE A 188 15.44 -15.60 8.93
CA ILE A 188 14.31 -16.47 9.21
C ILE A 188 13.09 -15.89 8.51
N VAL A 189 12.39 -16.74 7.76
CA VAL A 189 11.13 -16.37 7.12
C VAL A 189 10.04 -17.24 7.70
N MET A 190 9.04 -16.63 8.33
CA MET A 190 7.99 -17.40 8.96
C MET A 190 6.61 -16.85 8.63
N SER A 191 5.66 -17.77 8.50
CA SER A 191 4.25 -17.46 8.29
C SER A 191 3.42 -18.69 8.60
N ALA A 192 2.12 -18.48 8.74
CA ALA A 192 1.18 -19.54 9.03
C ALA A 192 0.44 -20.04 7.80
N THR A 193 0.35 -19.23 6.75
CA THR A 193 -0.31 -19.62 5.51
C THR A 193 0.68 -19.38 4.38
N LEU A 194 1.59 -20.32 4.20
CA LEU A 194 2.76 -20.10 3.37
C LEU A 194 2.93 -21.21 2.36
N ASP A 195 3.34 -20.82 1.15
CA ASP A 195 3.84 -21.78 0.17
C ASP A 195 5.28 -22.09 0.55
N ALA A 196 5.41 -23.04 1.46
CA ALA A 196 6.69 -23.27 2.13
C ALA A 196 7.72 -23.84 1.18
N GLN A 197 7.32 -24.73 0.28
CA GLN A 197 8.27 -25.29 -0.68
C GLN A 197 8.70 -24.24 -1.69
N LYS A 198 7.83 -23.25 -1.96
CA LYS A 198 8.21 -22.14 -2.82
C LYS A 198 9.21 -21.23 -2.11
N PHE A 199 8.98 -20.97 -0.83
CA PHE A 199 9.91 -20.16 -0.06
C PHE A 199 11.18 -20.92 0.21
N GLN A 200 11.10 -22.25 0.29
CA GLN A 200 12.29 -23.07 0.42
C GLN A 200 13.15 -22.99 -0.83
N SER A 201 12.54 -23.21 -1.99
CA SER A 201 13.28 -23.30 -3.24
C SER A 201 13.86 -21.95 -3.63
N TYR A 202 13.23 -20.86 -3.20
CA TYR A 202 13.74 -19.53 -3.50
C TYR A 202 15.01 -19.24 -2.70
N PHE A 203 15.05 -19.67 -1.45
CA PHE A 203 16.17 -19.35 -0.56
C PHE A 203 17.23 -20.44 -0.57
N PHE A 204 17.66 -20.82 -1.78
CA PHE A 204 18.75 -21.76 -2.05
C PHE A 204 18.49 -23.14 -1.42
N ASN A 205 17.25 -23.60 -1.56
CA ASN A 205 16.76 -24.86 -0.97
C ASN A 205 16.99 -24.88 0.55
N ALA A 206 16.37 -23.91 1.22
CA ALA A 206 16.53 -23.75 2.64
C ALA A 206 15.73 -24.84 3.38
N PRO A 207 16.10 -25.15 4.62
CA PRO A 207 15.31 -26.12 5.38
C PRO A 207 13.99 -25.55 5.86
N LEU A 208 13.07 -26.46 6.17
CA LEU A 208 11.75 -26.12 6.68
C LEU A 208 11.60 -26.71 8.07
N LEU A 209 11.00 -25.95 8.96
CA LEU A 209 10.64 -26.46 10.28
C LEU A 209 9.13 -26.30 10.43
N ALA A 210 8.43 -27.43 10.51
CA ALA A 210 6.99 -27.44 10.64
C ALA A 210 6.61 -27.73 12.07
N VAL A 211 5.80 -26.86 12.65
CA VAL A 211 5.27 -27.02 14.00
C VAL A 211 3.79 -27.33 13.88
N PRO A 212 3.33 -28.50 14.30
CA PRO A 212 1.90 -28.80 14.26
C PRO A 212 1.21 -28.47 15.58
N GLY A 213 -0.09 -28.32 15.50
CA GLY A 213 -0.88 -28.19 16.70
C GLY A 213 -1.33 -26.76 16.93
N ARG A 214 -2.48 -26.63 17.58
CA ARG A 214 -3.04 -25.34 17.95
C ARG A 214 -3.16 -25.27 19.46
N THR A 215 -3.08 -24.04 19.99
CA THR A 215 -3.32 -23.84 21.41
C THR A 215 -4.78 -24.05 21.76
N HIS A 216 -5.68 -23.47 20.96
CA HIS A 216 -7.11 -23.54 21.13
C HIS A 216 -7.74 -23.72 19.77
N PRO A 217 -8.87 -24.42 19.69
CA PRO A 217 -9.49 -24.66 18.39
C PRO A 217 -10.31 -23.47 17.92
N VAL A 218 -10.55 -23.43 16.62
CA VAL A 218 -11.42 -22.44 15.99
C VAL A 218 -12.42 -23.17 15.13
N GLU A 219 -13.69 -23.03 15.46
CA GLU A 219 -14.77 -23.64 14.69
C GLU A 219 -15.14 -22.75 13.52
N ILE A 220 -15.18 -23.32 12.32
CA ILE A 220 -15.45 -22.55 11.12
C ILE A 220 -16.90 -22.78 10.72
N PHE A 221 -17.67 -21.70 10.67
CA PHE A 221 -19.08 -21.74 10.29
C PHE A 221 -19.28 -21.00 8.99
N TYR A 222 -20.02 -21.61 8.07
CA TYR A 222 -20.32 -21.04 6.78
C TYR A 222 -21.80 -20.73 6.67
N THR A 223 -22.14 -19.81 5.79
CA THR A 223 -23.55 -19.58 5.48
C THR A 223 -23.99 -20.51 4.36
N PRO A 224 -25.23 -20.99 4.38
CA PRO A 224 -25.66 -21.91 3.32
C PRO A 224 -26.04 -21.20 2.03
N GLU A 225 -26.44 -19.94 2.12
CA GLU A 225 -26.87 -19.17 0.97
C GLU A 225 -26.04 -17.92 0.86
N ALA A 226 -25.76 -17.52 -0.38
CA ALA A 226 -24.99 -16.32 -0.63
C ALA A 226 -25.85 -15.08 -0.43
N GLU A 227 -25.29 -14.09 0.26
CA GLU A 227 -25.97 -12.83 0.51
C GLU A 227 -25.10 -11.71 -0.05
N ARG A 228 -25.70 -10.85 -0.89
CA ARG A 228 -24.92 -9.85 -1.61
C ARG A 228 -24.52 -8.69 -0.71
N ASP A 229 -25.46 -8.16 0.08
CA ASP A 229 -25.16 -7.07 0.99
C ASP A 229 -24.37 -7.64 2.16
N TYR A 230 -23.04 -7.60 2.03
CA TYR A 230 -22.18 -8.18 3.05
C TYR A 230 -22.17 -7.32 4.31
N VAL A 231 -22.47 -6.03 4.17
CA VAL A 231 -22.57 -5.17 5.35
C VAL A 231 -23.81 -5.51 6.15
N GLU A 232 -24.90 -5.84 5.46
CA GLU A 232 -26.12 -6.25 6.15
C GLU A 232 -25.93 -7.61 6.79
N ALA A 233 -25.22 -8.52 6.10
CA ALA A 233 -24.96 -9.84 6.66
C ALA A 233 -23.97 -9.76 7.81
N ALA A 234 -23.11 -8.75 7.81
CA ALA A 234 -22.19 -8.58 8.93
C ALA A 234 -22.89 -8.04 10.15
N ILE A 235 -23.74 -7.01 9.97
CA ILE A 235 -24.45 -6.41 11.08
C ILE A 235 -25.49 -7.38 11.65
N ARG A 236 -26.10 -8.20 10.80
CA ARG A 236 -27.04 -9.22 11.26
C ARG A 236 -26.33 -10.26 12.12
N THR A 237 -25.10 -10.62 11.76
CA THR A 237 -24.38 -11.66 12.47
C THR A 237 -23.85 -11.16 13.81
N VAL A 238 -23.43 -9.89 13.86
CA VAL A 238 -22.92 -9.31 15.09
C VAL A 238 -24.02 -9.22 16.15
N LEU A 239 -25.23 -8.85 15.73
CA LEU A 239 -26.34 -8.77 16.67
C LEU A 239 -26.80 -10.16 17.10
N GLN A 240 -26.65 -11.16 16.24
CA GLN A 240 -27.01 -12.51 16.60
C GLN A 240 -26.05 -13.09 17.63
N ILE A 241 -24.78 -12.70 17.57
CA ILE A 241 -23.79 -13.18 18.54
C ILE A 241 -24.05 -12.55 19.89
N HIS A 242 -24.38 -11.26 19.92
CA HIS A 242 -24.63 -10.59 21.18
C HIS A 242 -25.92 -11.08 21.83
N ALA A 243 -26.84 -11.63 21.03
CA ALA A 243 -28.11 -12.09 21.57
C ALA A 243 -28.02 -13.51 22.09
N CYS A 244 -27.39 -14.41 21.32
CA CYS A 244 -27.57 -15.84 21.53
C CYS A 244 -26.25 -16.57 21.80
N GLU A 245 -25.18 -15.87 22.10
CA GLU A 245 -23.92 -16.58 22.27
C GLU A 245 -23.30 -16.21 23.61
N PRO A 246 -22.46 -17.07 24.18
CA PRO A 246 -21.84 -16.76 25.47
C PRO A 246 -20.80 -15.65 25.40
N GLU A 247 -20.18 -15.40 26.55
CA GLU A 247 -19.31 -14.26 26.77
C GLU A 247 -18.08 -14.30 25.86
N GLY A 248 -17.82 -13.19 25.19
CA GLY A 248 -16.69 -13.09 24.31
C GLY A 248 -16.83 -12.07 23.20
N ASP A 249 -15.75 -11.33 22.94
CA ASP A 249 -15.79 -10.19 22.05
C ASP A 249 -15.76 -10.64 20.59
N ILE A 250 -16.19 -9.73 19.71
CA ILE A 250 -16.34 -9.99 18.29
C ILE A 250 -15.33 -9.14 17.53
N LEU A 251 -14.75 -9.71 16.49
CA LEU A 251 -13.90 -9.00 15.55
C LEU A 251 -14.59 -9.01 14.19
N LEU A 252 -14.90 -7.83 13.69
CA LEU A 252 -15.60 -7.69 12.41
C LEU A 252 -14.64 -7.10 11.38
N PHE A 253 -14.61 -7.71 10.20
CA PHE A 253 -13.74 -7.29 9.12
C PHE A 253 -14.57 -6.68 8.00
N LEU A 254 -14.35 -5.41 7.73
CA LEU A 254 -14.92 -4.78 6.55
C LEU A 254 -13.82 -4.04 5.79
N THR A 255 -14.21 -3.36 4.72
CA THR A 255 -13.23 -2.98 3.71
C THR A 255 -12.62 -1.62 3.97
N GLY A 256 -13.44 -0.58 4.17
CA GLY A 256 -12.93 0.76 4.15
C GLY A 256 -13.30 1.54 5.40
N GLU A 257 -12.76 2.75 5.48
CA GLU A 257 -13.01 3.62 6.62
C GLU A 257 -14.46 4.10 6.65
N GLU A 258 -14.99 4.48 5.48
CA GLU A 258 -16.36 4.97 5.43
C GLU A 258 -17.35 3.83 5.62
N GLU A 259 -16.96 2.61 5.25
CA GLU A 259 -17.87 1.48 5.35
C GLU A 259 -18.08 1.07 6.81
N ILE A 260 -17.04 1.17 7.63
CA ILE A 260 -17.18 0.68 8.99
C ILE A 260 -17.79 1.75 9.88
N GLU A 261 -17.55 3.02 9.58
CA GLU A 261 -18.03 4.09 10.45
C GLU A 261 -19.53 4.24 10.30
N ASP A 262 -20.05 3.93 9.12
CA ASP A 262 -21.49 3.73 8.97
C ASP A 262 -21.93 2.47 9.71
N ALA A 263 -21.13 1.41 9.61
CA ALA A 263 -21.52 0.15 10.25
C ALA A 263 -21.34 0.20 11.75
N CYS A 264 -20.42 1.03 12.25
CA CYS A 264 -20.30 1.20 13.69
C CYS A 264 -21.47 1.98 14.24
N ARG A 265 -22.03 2.88 13.44
CA ARG A 265 -23.18 3.65 13.87
C ARG A 265 -24.45 2.81 13.79
N ARG A 266 -24.58 2.01 12.73
CA ARG A 266 -25.78 1.21 12.53
C ARG A 266 -25.86 0.07 13.53
N ILE A 267 -24.71 -0.42 13.99
CA ILE A 267 -24.71 -1.49 14.98
C ILE A 267 -25.11 -0.95 16.35
N SER A 268 -24.57 0.21 16.72
CA SER A 268 -24.82 0.77 18.04
C SER A 268 -26.27 1.22 18.20
N LEU A 269 -26.90 1.62 17.10
CA LEU A 269 -28.31 2.00 17.18
C LEU A 269 -29.20 0.78 17.25
N GLU A 270 -28.80 -0.32 16.60
CA GLU A 270 -29.60 -1.52 16.67
C GLU A 270 -29.27 -2.33 17.91
N VAL A 271 -28.11 -2.08 18.51
CA VAL A 271 -27.83 -2.64 19.83
C VAL A 271 -28.73 -1.99 20.88
N ASP A 272 -28.91 -0.66 20.78
CA ASP A 272 -29.68 0.06 21.78
C ASP A 272 -31.17 -0.30 21.70
N GLU A 273 -31.62 -0.78 20.56
CA GLU A 273 -33.00 -1.26 20.46
C GLU A 273 -33.08 -2.73 20.86
N MET A 274 -31.94 -3.41 20.97
CA MET A 274 -31.94 -4.74 21.55
C MET A 274 -31.89 -4.67 23.07
N ILE A 275 -31.30 -3.61 23.60
CA ILE A 275 -31.21 -3.44 25.05
C ILE A 275 -32.58 -3.13 25.64
N ARG A 276 -33.33 -2.24 25.00
CA ARG A 276 -34.59 -1.79 25.56
C ARG A 276 -35.68 -2.85 25.40
N GLU A 277 -35.55 -3.72 24.41
CA GLU A 277 -36.58 -4.71 24.13
C GLU A 277 -36.20 -6.12 24.56
N SER A 278 -35.09 -6.65 24.07
CA SER A 278 -34.74 -8.04 24.30
C SER A 278 -33.99 -8.26 25.60
N ASP A 279 -33.70 -7.18 26.35
CA ASP A 279 -33.01 -7.22 27.65
C ASP A 279 -31.65 -7.90 27.54
N ALA A 280 -30.88 -7.49 26.53
CA ALA A 280 -29.55 -8.01 26.32
C ALA A 280 -28.52 -7.12 27.00
N GLY A 281 -27.26 -7.54 26.94
CA GLY A 281 -26.18 -6.83 27.58
C GLY A 281 -25.67 -5.70 26.73
N PRO A 282 -24.80 -4.87 27.31
CA PRO A 282 -24.25 -3.75 26.56
C PRO A 282 -23.19 -4.21 25.58
N MET A 283 -22.98 -3.41 24.53
CA MET A 283 -21.96 -3.71 23.54
C MET A 283 -21.17 -2.44 23.24
N SER A 284 -19.86 -2.51 23.47
CA SER A 284 -18.95 -1.45 23.05
C SER A 284 -18.59 -1.69 21.60
N VAL A 285 -18.56 -0.62 20.82
CA VAL A 285 -18.27 -0.69 19.39
C VAL A 285 -17.05 0.17 19.11
N TYR A 286 -16.02 -0.43 18.51
CA TYR A 286 -14.76 0.22 18.24
C TYR A 286 -14.41 0.12 16.76
N PRO A 287 -14.00 1.20 16.13
CA PRO A 287 -13.54 1.11 14.74
C PRO A 287 -12.05 0.93 14.63
N LEU A 288 -11.56 0.46 13.49
CA LEU A 288 -10.13 0.29 13.27
C LEU A 288 -9.80 0.40 11.80
N TYR A 289 -9.12 1.47 11.41
CA TYR A 289 -8.60 1.60 10.07
C TYR A 289 -7.26 2.31 10.14
N GLY A 290 -6.60 2.38 8.97
CA GLY A 290 -5.22 2.85 8.95
C GLY A 290 -5.09 4.35 9.15
N THR A 291 -6.07 5.11 8.66
CA THR A 291 -6.03 6.56 8.79
C THR A 291 -6.51 7.04 10.15
N LEU A 292 -6.87 6.11 11.03
CA LEU A 292 -7.38 6.47 12.34
C LEU A 292 -6.22 6.88 13.25
N PRO A 293 -6.45 7.77 14.21
CA PRO A 293 -5.36 8.20 15.08
C PRO A 293 -4.89 7.08 16.00
N PRO A 294 -3.61 7.05 16.37
CA PRO A 294 -3.11 5.92 17.17
C PRO A 294 -3.63 5.91 18.60
N HIS A 295 -3.94 7.07 19.18
CA HIS A 295 -4.46 7.07 20.54
C HIS A 295 -5.89 6.58 20.59
N GLN A 296 -6.59 6.65 19.46
CA GLN A 296 -7.89 5.99 19.38
C GLN A 296 -7.75 4.59 18.81
N GLN A 297 -6.62 4.28 18.18
CA GLN A 297 -6.37 2.92 17.71
C GLN A 297 -6.10 1.98 18.89
N GLN A 298 -5.49 2.50 19.94
CA GLN A 298 -5.17 1.67 21.10
C GLN A 298 -6.35 1.45 22.01
N ARG A 299 -7.53 1.97 21.68
CA ARG A 299 -8.73 1.71 22.45
C ARG A 299 -9.35 0.36 22.15
N ILE A 300 -8.80 -0.41 21.21
CA ILE A 300 -9.37 -1.70 20.90
C ILE A 300 -8.96 -2.75 21.92
N PHE A 301 -7.98 -2.40 22.74
CA PHE A 301 -7.49 -3.29 23.81
C PHE A 301 -8.17 -2.92 25.12
N GLU A 302 -9.25 -2.15 25.03
CA GLU A 302 -9.97 -1.58 26.20
C GLU A 302 -11.06 -2.56 26.60
N LYS A 303 -11.22 -2.71 27.96
CA LYS A 303 -11.94 -3.87 28.54
C LYS A 303 -13.39 -3.85 28.09
N ALA A 304 -13.95 -5.04 27.95
CA ALA A 304 -15.34 -5.30 27.65
C ALA A 304 -16.19 -4.73 28.77
N PRO A 305 -17.36 -4.17 28.44
CA PRO A 305 -18.25 -3.66 29.48
C PRO A 305 -18.84 -4.78 30.30
N GLN A 306 -19.08 -4.48 31.57
CA GLN A 306 -19.73 -5.44 32.44
C GLN A 306 -21.22 -5.46 32.16
N PRO A 307 -21.91 -6.55 32.50
CA PRO A 307 -23.36 -6.59 32.27
C PRO A 307 -24.12 -5.63 33.16
N PHE A 308 -25.39 -5.44 32.82
CA PHE A 308 -26.22 -4.48 33.55
C PHE A 308 -26.54 -4.98 34.95
N ARG A 309 -26.86 -6.26 35.07
CA ARG A 309 -27.17 -6.87 36.34
C ARG A 309 -26.32 -8.11 36.53
N PRO A 310 -26.02 -8.48 37.77
CA PRO A 310 -25.38 -9.77 38.04
C PRO A 310 -26.27 -10.92 37.61
N GLY A 311 -25.71 -11.81 36.79
CA GLY A 311 -26.46 -12.88 36.20
C GLY A 311 -27.05 -12.55 34.85
N GLY A 312 -26.86 -11.34 34.35
CA GLY A 312 -27.43 -10.97 33.08
C GLY A 312 -26.64 -11.49 31.90
N ARG A 313 -27.11 -11.12 30.71
CA ARG A 313 -26.41 -11.42 29.48
C ARG A 313 -25.07 -10.68 29.47
N PRO A 314 -24.02 -11.26 28.88
CA PRO A 314 -22.69 -10.68 29.03
C PRO A 314 -22.51 -9.42 28.20
N GLY A 315 -21.79 -8.46 28.78
CA GLY A 315 -21.36 -7.31 28.01
C GLY A 315 -20.26 -7.70 27.04
N ARG A 316 -20.24 -7.03 25.90
CA ARG A 316 -19.43 -7.45 24.77
C ARG A 316 -18.72 -6.26 24.16
N LYS A 317 -17.68 -6.56 23.39
CA LYS A 317 -16.91 -5.53 22.67
C LYS A 317 -16.89 -5.94 21.21
N CYS A 318 -17.30 -5.04 20.33
CA CYS A 318 -17.24 -5.29 18.90
C CYS A 318 -16.19 -4.39 18.28
N ILE A 319 -15.19 -5.00 17.65
CA ILE A 319 -14.17 -4.29 16.92
C ILE A 319 -14.44 -4.50 15.44
N VAL A 320 -14.79 -3.42 14.75
CA VAL A 320 -15.03 -3.44 13.31
C VAL A 320 -13.79 -2.87 12.65
N ALA A 321 -13.13 -3.66 11.82
CA ALA A 321 -11.77 -3.35 11.41
C ALA A 321 -11.57 -3.64 9.94
N THR A 322 -10.47 -3.15 9.40
CA THR A 322 -10.00 -3.52 8.07
C THR A 322 -9.05 -4.71 8.21
N ASN A 323 -8.30 -5.05 7.17
CA ASN A 323 -7.31 -6.12 7.29
C ASN A 323 -6.02 -5.67 7.98
N ILE A 324 -6.03 -4.51 8.65
CA ILE A 324 -4.92 -4.10 9.50
C ILE A 324 -4.81 -5.02 10.70
N ALA A 325 -5.91 -5.67 11.09
CA ALA A 325 -5.92 -6.64 12.16
C ALA A 325 -6.01 -8.07 11.66
N GLU A 326 -5.80 -8.29 10.37
CA GLU A 326 -5.88 -9.64 9.83
C GLU A 326 -4.68 -10.48 10.25
N THR A 327 -3.50 -9.88 10.29
CA THR A 327 -2.29 -10.60 10.63
C THR A 327 -1.69 -10.05 11.91
N GLY A 328 -0.85 -10.85 12.54
CA GLY A 328 -0.01 -10.41 13.64
C GLY A 328 -0.64 -10.20 14.99
N LEU A 329 -1.77 -9.51 15.03
CA LEU A 329 -2.34 -9.08 16.30
C LEU A 329 -2.95 -10.23 17.06
N THR A 330 -2.77 -10.22 18.38
CA THR A 330 -3.52 -11.06 19.30
C THR A 330 -4.30 -10.12 20.19
N ILE A 331 -5.62 -10.05 20.01
CA ILE A 331 -6.49 -9.23 20.84
C ILE A 331 -7.11 -10.13 21.89
N ASP A 332 -6.82 -9.84 23.15
CA ASP A 332 -7.30 -10.68 24.24
C ASP A 332 -8.80 -10.47 24.46
N GLY A 333 -9.53 -11.57 24.55
CA GLY A 333 -10.96 -11.52 24.72
C GLY A 333 -11.76 -11.79 23.47
N ILE A 334 -11.12 -11.89 22.32
CA ILE A 334 -11.82 -12.14 21.07
C ILE A 334 -12.17 -13.63 21.02
N VAL A 335 -13.45 -13.93 20.83
CA VAL A 335 -13.89 -15.31 20.68
C VAL A 335 -14.51 -15.47 19.30
N TYR A 336 -15.08 -14.40 18.77
CA TYR A 336 -15.88 -14.49 17.55
C TYR A 336 -15.28 -13.62 16.47
N VAL A 337 -15.19 -14.15 15.26
CA VAL A 337 -14.66 -13.46 14.10
C VAL A 337 -15.66 -13.59 12.97
N VAL A 338 -16.09 -12.47 12.42
CA VAL A 338 -17.01 -12.46 11.30
C VAL A 338 -16.23 -12.16 10.03
N ASP A 339 -16.32 -13.06 9.05
CA ASP A 339 -15.58 -12.97 7.80
C ASP A 339 -16.55 -12.76 6.65
N PRO A 340 -16.78 -11.51 6.21
CA PRO A 340 -17.50 -11.32 4.95
C PRO A 340 -16.71 -11.77 3.74
N GLY A 341 -15.40 -11.62 3.78
CA GLY A 341 -14.54 -12.08 2.70
C GLY A 341 -14.14 -11.02 1.69
N PHE A 342 -14.10 -9.76 2.09
CA PHE A 342 -13.77 -8.68 1.16
C PHE A 342 -12.71 -7.78 1.78
N SER A 343 -11.86 -7.24 0.93
CA SER A 343 -10.86 -6.27 1.36
C SER A 343 -10.59 -5.30 0.22
N LYS A 344 -10.07 -4.14 0.58
CA LYS A 344 -9.58 -3.16 -0.37
C LYS A 344 -8.16 -3.54 -0.76
N GLN A 345 -7.99 -4.05 -1.97
CA GLN A 345 -6.70 -4.46 -2.49
C GLN A 345 -6.25 -3.49 -3.57
N LYS A 346 -4.95 -3.20 -3.59
CA LYS A 346 -4.42 -2.20 -4.51
C LYS A 346 -4.37 -2.77 -5.93
N ILE A 347 -4.92 -2.00 -6.87
CA ILE A 347 -4.82 -2.32 -8.28
C ILE A 347 -4.15 -1.18 -9.00
N TYR A 348 -3.61 -1.46 -10.17
CA TYR A 348 -2.87 -0.49 -10.97
C TYR A 348 -3.48 -0.44 -12.36
N ASN A 349 -3.92 0.76 -12.75
CA ASN A 349 -4.40 0.99 -14.10
C ASN A 349 -3.20 1.31 -14.98
N PRO A 350 -2.86 0.47 -15.95
CA PRO A 350 -1.66 0.73 -16.75
C PRO A 350 -1.84 1.83 -17.77
N ARG A 351 -3.08 2.14 -18.13
CA ARG A 351 -3.32 3.17 -19.14
C ARG A 351 -3.31 4.56 -18.52
N THR A 352 -3.73 4.68 -17.27
CA THR A 352 -3.81 5.97 -16.61
C THR A 352 -2.74 6.16 -15.54
N ARG A 353 -1.98 5.11 -15.24
CA ARG A 353 -0.87 5.11 -14.28
C ARG A 353 -1.34 5.51 -12.88
N VAL A 354 -2.46 4.93 -12.47
CA VAL A 354 -3.07 5.21 -11.18
C VAL A 354 -3.11 3.95 -10.34
N GLU A 355 -2.68 4.06 -9.09
CA GLU A 355 -2.84 3.03 -8.08
C GLU A 355 -4.07 3.36 -7.25
N SER A 356 -5.10 2.51 -7.33
CA SER A 356 -6.34 2.73 -6.60
C SER A 356 -6.69 1.47 -5.81
N LEU A 357 -7.58 1.65 -4.84
CA LEU A 357 -8.03 0.57 -3.97
C LEU A 357 -9.39 0.05 -4.45
N LEU A 358 -9.49 -1.26 -4.61
CA LEU A 358 -10.70 -1.91 -5.09
C LEU A 358 -11.15 -2.94 -4.07
N VAL A 359 -12.44 -2.94 -3.75
CA VAL A 359 -13.00 -4.00 -2.93
C VAL A 359 -13.03 -5.29 -3.75
N SER A 360 -12.32 -6.30 -3.26
CA SER A 360 -12.14 -7.55 -3.98
C SER A 360 -12.27 -8.69 -2.99
N PRO A 361 -12.54 -9.91 -3.46
CA PRO A 361 -12.53 -11.06 -2.56
C PRO A 361 -11.15 -11.36 -2.01
N ILE A 362 -11.12 -11.74 -0.73
CA ILE A 362 -9.87 -12.12 -0.10
C ILE A 362 -9.50 -13.54 -0.51
N SER A 363 -8.26 -13.91 -0.21
CA SER A 363 -7.76 -15.23 -0.55
C SER A 363 -8.14 -16.24 0.53
N LYS A 364 -7.81 -17.51 0.25
CA LYS A 364 -7.95 -18.55 1.26
C LYS A 364 -7.01 -18.32 2.42
N ALA A 365 -5.82 -17.78 2.13
CA ALA A 365 -4.84 -17.52 3.18
C ALA A 365 -5.28 -16.36 4.07
N SER A 366 -6.03 -15.41 3.52
CA SER A 366 -6.50 -14.30 4.34
C SER A 366 -7.64 -14.74 5.25
N ALA A 367 -8.43 -15.72 4.81
CA ALA A 367 -9.52 -16.20 5.65
C ALA A 367 -9.00 -16.98 6.84
N GLN A 368 -7.96 -17.79 6.63
CA GLN A 368 -7.38 -18.52 7.74
C GLN A 368 -6.67 -17.58 8.71
N GLN A 369 -6.08 -16.51 8.19
CA GLN A 369 -5.44 -15.54 9.08
C GLN A 369 -6.48 -14.72 9.82
N ARG A 370 -7.65 -14.50 9.20
CA ARG A 370 -8.74 -13.81 9.89
C ARG A 370 -9.34 -14.70 10.97
N ALA A 371 -9.53 -15.98 10.67
CA ALA A 371 -10.03 -16.91 11.67
C ALA A 371 -9.00 -17.15 12.77
N GLY A 372 -7.72 -16.97 12.45
CA GLY A 372 -6.67 -17.19 13.42
C GLY A 372 -6.54 -16.11 14.46
N ARG A 373 -7.32 -15.04 14.34
CA ARG A 373 -7.31 -13.99 15.36
C ARG A 373 -8.03 -14.44 16.62
N ALA A 374 -8.84 -15.49 16.52
CA ALA A 374 -9.39 -16.19 17.67
C ALA A 374 -8.63 -17.50 17.85
N GLY A 375 -8.95 -18.21 18.93
CA GLY A 375 -8.24 -19.43 19.23
C GLY A 375 -6.83 -19.23 19.69
N ARG A 376 -6.54 -18.10 20.32
CA ARG A 376 -5.19 -17.74 20.74
C ARG A 376 -5.03 -17.75 22.25
N THR A 377 -5.93 -17.11 22.98
CA THR A 377 -5.93 -17.17 24.44
C THR A 377 -7.03 -18.04 25.00
N ARG A 378 -8.03 -18.39 24.21
CA ARG A 378 -9.17 -19.17 24.63
C ARG A 378 -9.80 -19.71 23.35
N PRO A 379 -10.65 -20.74 23.40
CA PRO A 379 -11.26 -21.23 22.16
C PRO A 379 -12.19 -20.22 21.52
N GLY A 380 -12.33 -20.32 20.20
CA GLY A 380 -13.11 -19.37 19.46
C GLY A 380 -13.80 -20.03 18.28
N LYS A 381 -14.52 -19.21 17.54
CA LYS A 381 -15.20 -19.64 16.33
C LYS A 381 -15.25 -18.48 15.34
N CYS A 382 -15.21 -18.82 14.06
CA CYS A 382 -15.21 -17.83 12.99
C CYS A 382 -16.45 -18.00 12.15
N PHE A 383 -17.17 -16.91 11.93
CA PHE A 383 -18.36 -16.91 11.09
C PHE A 383 -17.99 -16.37 9.72
N ARG A 384 -17.79 -17.25 8.77
CA ARG A 384 -17.50 -16.86 7.40
C ARG A 384 -18.82 -16.65 6.68
N LEU A 385 -19.02 -15.45 6.14
CA LEU A 385 -20.28 -15.11 5.47
C LEU A 385 -20.25 -15.48 3.99
N TYR A 386 -19.88 -16.73 3.75
CA TYR A 386 -19.83 -17.27 2.39
C TYR A 386 -19.94 -18.77 2.45
N THR A 387 -20.19 -19.36 1.29
CA THR A 387 -20.38 -20.80 1.16
C THR A 387 -19.05 -21.51 1.36
N GLU A 388 -19.10 -22.71 1.94
CA GLU A 388 -17.94 -23.58 2.01
C GLU A 388 -17.45 -23.93 0.62
N GLU A 389 -18.37 -24.11 -0.33
CA GLU A 389 -17.95 -24.38 -1.70
C GLU A 389 -17.38 -23.12 -2.36
N ALA A 390 -17.84 -21.95 -1.91
CA ALA A 390 -17.22 -20.71 -2.36
C ALA A 390 -15.82 -20.55 -1.79
N PHE A 391 -15.59 -21.11 -0.60
CA PHE A 391 -14.24 -21.11 -0.04
C PHE A 391 -13.33 -22.02 -0.84
N LYS A 392 -13.82 -23.21 -1.21
CA LYS A 392 -12.94 -24.19 -1.80
C LYS A 392 -12.72 -23.93 -3.28
N LYS A 393 -13.71 -23.35 -3.96
CA LYS A 393 -13.67 -23.27 -5.41
C LYS A 393 -13.66 -21.85 -5.97
N GLU A 394 -14.13 -20.86 -5.22
CA GLU A 394 -14.18 -19.50 -5.73
C GLU A 394 -13.03 -18.64 -5.23
N LEU A 395 -12.52 -18.91 -4.03
CA LEU A 395 -11.42 -18.15 -3.45
C LEU A 395 -10.10 -18.68 -3.97
N ILE A 396 -9.17 -17.77 -4.23
CA ILE A 396 -7.82 -18.16 -4.62
C ILE A 396 -7.01 -18.50 -3.38
N GLU A 397 -5.97 -19.32 -3.56
CA GLU A 397 -5.22 -19.81 -2.41
C GLU A 397 -4.36 -18.73 -1.79
N GLN A 398 -3.54 -18.08 -2.59
CA GLN A 398 -2.62 -17.09 -2.07
C GLN A 398 -2.92 -15.71 -2.65
N THR A 399 -2.68 -14.69 -1.85
CA THR A 399 -2.90 -13.31 -2.26
C THR A 399 -1.88 -12.92 -3.31
N TYR A 400 -2.34 -12.17 -4.32
CA TYR A 400 -1.46 -11.76 -5.40
C TYR A 400 -0.42 -10.79 -4.88
N PRO A 401 0.82 -10.88 -5.36
CA PRO A 401 1.88 -10.02 -4.83
C PRO A 401 1.66 -8.57 -5.21
N GLU A 402 2.07 -7.67 -4.31
CA GLU A 402 1.81 -6.25 -4.49
C GLU A 402 2.67 -5.66 -5.61
N ILE A 403 3.80 -6.30 -5.89
CA ILE A 403 4.72 -5.77 -6.89
C ILE A 403 4.16 -5.97 -8.30
N LEU A 404 3.24 -6.90 -8.45
CA LEU A 404 2.61 -7.08 -9.75
C LEU A 404 1.36 -6.23 -9.88
N ARG A 405 0.95 -5.58 -8.80
CA ARG A 405 -0.19 -4.69 -8.78
C ARG A 405 0.19 -3.25 -8.52
N SER A 406 1.45 -2.89 -8.67
CA SER A 406 1.92 -1.55 -8.39
C SER A 406 2.51 -0.91 -9.63
N ASN A 407 2.85 0.37 -9.50
CA ASN A 407 3.62 1.08 -10.52
C ASN A 407 5.03 0.53 -10.52
N LEU A 408 5.42 -0.11 -11.62
CA LEU A 408 6.76 -0.68 -11.70
C LEU A 408 7.81 0.41 -11.81
N SER A 409 7.45 1.55 -12.43
CA SER A 409 8.40 2.65 -12.57
C SER A 409 8.71 3.29 -11.23
N ASN A 410 7.74 3.30 -10.32
CA ASN A 410 8.02 3.76 -8.96
C ASN A 410 8.89 2.77 -8.22
N THR A 411 8.73 1.48 -8.51
CA THR A 411 9.50 0.45 -7.84
C THR A 411 10.95 0.50 -8.27
N VAL A 412 11.19 0.74 -9.56
CA VAL A 412 12.54 0.74 -10.12
C VAL A 412 13.37 1.85 -9.52
N LEU A 413 12.77 3.04 -9.34
CA LEU A 413 13.50 4.16 -8.77
C LEU A 413 13.84 3.93 -7.31
N GLU A 414 12.98 3.21 -6.59
CA GLU A 414 13.30 2.89 -5.21
C GLU A 414 14.40 1.84 -5.14
N LEU A 415 14.47 0.96 -6.14
CA LEU A 415 15.47 -0.08 -6.13
C LEU A 415 16.86 0.47 -6.47
N LYS A 416 16.91 1.51 -7.31
CA LYS A 416 18.19 2.15 -7.60
C LYS A 416 18.69 2.90 -6.38
N LYS A 417 17.78 3.42 -5.56
CA LYS A 417 18.18 4.01 -4.29
C LYS A 417 18.63 2.95 -3.30
N LEU A 418 18.20 1.70 -3.50
CA LEU A 418 18.63 0.62 -2.65
C LEU A 418 19.97 0.05 -3.06
N GLY A 419 20.42 0.34 -4.28
CA GLY A 419 21.72 -0.10 -4.75
C GLY A 419 21.68 -1.15 -5.82
N VAL A 420 20.50 -1.50 -6.33
CA VAL A 420 20.41 -2.53 -7.35
C VAL A 420 20.91 -1.97 -8.67
N GLU A 421 21.69 -2.77 -9.40
CA GLU A 421 22.25 -2.36 -10.67
C GLU A 421 21.63 -3.09 -11.85
N ASP A 422 21.44 -4.39 -11.74
CA ASP A 422 20.81 -5.19 -12.79
C ASP A 422 19.35 -5.39 -12.40
N LEU A 423 18.45 -4.73 -13.12
CA LEU A 423 17.03 -4.75 -12.77
C LEU A 423 16.31 -5.90 -13.45
N VAL A 424 16.72 -6.24 -14.67
CA VAL A 424 16.02 -7.27 -15.42
C VAL A 424 16.37 -8.66 -14.87
N HIS A 425 17.50 -8.78 -14.20
CA HIS A 425 17.92 -10.02 -13.57
C HIS A 425 17.87 -9.95 -12.05
N PHE A 426 17.08 -9.03 -11.50
CA PHE A 426 16.84 -9.00 -10.07
C PHE A 426 15.96 -10.19 -9.68
N ASP A 427 16.45 -11.01 -8.75
CA ASP A 427 15.78 -12.26 -8.41
C ASP A 427 14.65 -12.00 -7.41
N LEU A 428 13.50 -11.66 -7.97
CA LEU A 428 12.28 -11.58 -7.18
C LEU A 428 11.58 -12.92 -7.19
N MET A 429 10.83 -13.19 -6.11
CA MET A 429 10.14 -14.46 -5.97
C MET A 429 9.06 -14.63 -7.03
N ASP A 430 8.35 -13.54 -7.32
CA ASP A 430 7.44 -13.47 -8.45
C ASP A 430 7.73 -12.18 -9.19
N PRO A 431 8.69 -12.22 -10.13
CA PRO A 431 9.10 -11.00 -10.79
C PRO A 431 8.11 -10.62 -11.87
N PRO A 432 8.08 -9.36 -12.28
CA PRO A 432 7.30 -8.99 -13.46
C PRO A 432 7.93 -9.53 -14.72
N ALA A 433 7.17 -9.42 -15.81
CA ALA A 433 7.64 -9.88 -17.10
C ALA A 433 8.83 -9.03 -17.55
N PRO A 434 9.77 -9.61 -18.29
CA PRO A 434 10.90 -8.80 -18.77
C PRO A 434 10.49 -7.74 -19.77
N GLU A 435 9.41 -7.97 -20.51
CA GLU A 435 8.84 -6.92 -21.35
C GLU A 435 8.30 -5.78 -20.50
N THR A 436 7.80 -6.10 -19.31
CA THR A 436 7.24 -5.07 -18.44
C THR A 436 8.34 -4.33 -17.70
N MET A 437 9.41 -5.03 -17.33
CA MET A 437 10.51 -4.37 -16.63
C MET A 437 11.34 -3.50 -17.56
N MET A 438 11.54 -3.95 -18.80
CA MET A 438 12.28 -3.14 -19.76
C MET A 438 11.47 -1.93 -20.19
N ARG A 439 10.15 -2.05 -20.19
CA ARG A 439 9.30 -0.91 -20.53
C ARG A 439 9.36 0.16 -19.46
N ALA A 440 9.52 -0.24 -18.20
CA ALA A 440 9.69 0.74 -17.14
C ALA A 440 11.06 1.39 -17.24
N LEU A 441 12.06 0.65 -17.69
CA LEU A 441 13.39 1.22 -17.84
C LEU A 441 13.46 2.08 -19.09
N GLU A 442 12.65 1.77 -20.10
CA GLU A 442 12.64 2.59 -21.31
C GLU A 442 12.01 3.94 -21.04
N GLU A 443 10.90 3.95 -20.30
CA GLU A 443 10.21 5.20 -20.00
C GLU A 443 11.01 6.06 -19.03
N LEU A 444 11.67 5.44 -18.06
CA LEU A 444 12.38 6.20 -17.04
C LEU A 444 13.68 6.79 -17.60
N ASN A 445 14.20 6.18 -18.66
CA ASN A 445 15.38 6.74 -19.32
C ASN A 445 14.98 7.93 -20.18
N TYR A 446 13.84 7.82 -20.86
CA TYR A 446 13.35 8.94 -21.67
C TYR A 446 12.90 10.10 -20.82
N LEU A 447 12.49 9.83 -19.57
CA LEU A 447 12.11 10.88 -18.65
C LEU A 447 13.28 11.52 -17.94
N ALA A 448 14.51 11.13 -18.28
CA ALA A 448 15.78 11.54 -17.68
C ALA A 448 15.86 11.20 -16.20
N CYS A 449 15.09 10.23 -15.73
CA CYS A 449 15.21 9.78 -14.35
C CYS A 449 16.36 8.78 -14.22
N LEU A 450 16.71 8.12 -15.32
CA LEU A 450 17.88 7.25 -15.40
C LEU A 450 18.70 7.68 -16.60
N ASP A 451 20.03 7.58 -16.49
CA ASP A 451 20.86 7.97 -17.61
C ASP A 451 20.94 6.83 -18.63
N ASP A 452 21.79 7.02 -19.64
CA ASP A 452 21.94 5.97 -20.64
C ASP A 452 22.78 4.82 -20.10
N ASP A 453 23.55 5.07 -19.05
CA ASP A 453 24.27 4.00 -18.38
C ASP A 453 23.36 3.22 -17.44
N GLY A 454 22.21 3.79 -17.08
CA GLY A 454 21.23 3.12 -16.26
C GLY A 454 21.22 3.55 -14.80
N GLU A 455 22.06 4.49 -14.43
CA GLU A 455 22.13 4.91 -13.04
C GLU A 455 21.13 6.03 -12.77
N LEU A 456 20.93 6.30 -11.48
CA LEU A 456 19.90 7.23 -11.04
C LEU A 456 20.39 8.66 -11.18
N THR A 457 19.64 9.47 -11.92
CA THR A 457 19.93 10.89 -12.08
C THR A 457 19.36 11.66 -10.88
N PRO A 458 19.83 12.88 -10.64
CA PRO A 458 19.22 13.67 -9.55
C PRO A 458 17.77 14.05 -9.79
N LEU A 459 17.34 14.04 -11.05
CA LEU A 459 15.92 14.18 -11.35
C LEU A 459 15.15 12.95 -10.90
N GLY A 460 15.72 11.77 -11.10
CA GLY A 460 15.03 10.56 -10.71
C GLY A 460 14.99 10.36 -9.21
N ASN A 461 16.03 10.81 -8.52
CA ASN A 461 16.03 10.75 -7.06
C ASN A 461 14.99 11.70 -6.48
N LEU A 462 14.83 12.87 -7.09
CA LEU A 462 13.84 13.83 -6.61
C LEU A 462 12.43 13.38 -6.96
N ALA A 463 12.26 12.75 -8.12
CA ALA A 463 10.94 12.26 -8.51
C ALA A 463 10.52 11.07 -7.67
N SER A 464 11.49 10.38 -7.07
CA SER A 464 11.17 9.27 -6.17
C SER A 464 10.63 9.77 -4.84
N GLU A 465 10.83 11.04 -4.53
CA GLU A 465 10.34 11.59 -3.27
C GLU A 465 8.86 11.90 -3.34
N PHE A 466 8.29 11.88 -4.54
CA PHE A 466 6.88 12.20 -4.69
C PHE A 466 6.07 10.91 -4.81
N PRO A 467 4.91 10.84 -4.18
CA PRO A 467 4.05 9.64 -4.29
C PRO A 467 3.23 9.62 -5.58
N LEU A 468 3.92 9.68 -6.70
CA LEU A 468 3.28 9.83 -7.99
C LEU A 468 3.88 8.85 -8.97
N ASP A 469 3.16 8.63 -10.06
CA ASP A 469 3.75 8.08 -11.26
C ASP A 469 4.86 9.01 -11.72
N PRO A 470 6.02 8.48 -12.12
CA PRO A 470 7.21 9.33 -12.28
C PRO A 470 7.11 10.34 -13.41
N ALA A 471 6.25 10.10 -14.40
CA ALA A 471 6.01 11.12 -15.42
C ALA A 471 5.30 12.34 -14.83
N LEU A 472 4.43 12.11 -13.84
CA LEU A 472 3.74 13.20 -13.19
C LEU A 472 4.68 13.97 -12.27
N ALA A 473 5.70 13.29 -11.75
CA ALA A 473 6.63 13.97 -10.85
C ALA A 473 7.62 14.81 -11.63
N VAL A 474 8.01 14.37 -12.82
CA VAL A 474 8.87 15.17 -13.68
C VAL A 474 8.12 16.41 -14.15
N MET A 475 6.82 16.25 -14.43
CA MET A 475 5.98 17.37 -14.84
C MET A 475 5.86 18.40 -13.73
N LEU A 476 5.79 17.94 -12.49
CA LEU A 476 5.67 18.86 -11.37
C LEU A 476 7.00 19.55 -11.08
N ILE A 477 8.10 18.83 -11.28
CA ILE A 477 9.42 19.39 -11.00
C ILE A 477 9.78 20.42 -12.06
N SER A 478 9.43 20.17 -13.31
CA SER A 478 9.69 21.11 -14.39
C SER A 478 8.68 22.24 -14.45
N SER A 479 7.64 22.21 -13.61
CA SER A 479 6.58 23.20 -13.68
C SER A 479 6.96 24.67 -13.39
N PRO A 480 7.93 25.03 -12.53
CA PRO A 480 8.21 26.46 -12.39
C PRO A 480 8.88 27.09 -13.60
N GLU A 481 9.48 26.28 -14.48
CA GLU A 481 10.05 26.83 -15.69
C GLU A 481 8.97 27.20 -16.71
N PHE A 482 7.76 26.70 -16.51
CA PHE A 482 6.62 27.08 -17.35
C PHE A 482 5.71 28.08 -16.66
N TYR A 483 6.10 28.56 -15.47
CA TYR A 483 5.42 29.62 -14.71
C TYR A 483 3.98 29.26 -14.33
N CYS A 484 3.70 27.97 -14.19
CA CYS A 484 2.36 27.50 -13.82
C CYS A 484 2.45 26.39 -12.79
N SER A 485 3.32 26.59 -11.79
CA SER A 485 3.59 25.50 -10.85
C SER A 485 2.45 25.30 -9.87
N ASN A 486 1.67 26.35 -9.60
CA ASN A 486 0.50 26.19 -8.75
C ASN A 486 -0.60 25.45 -9.48
N GLU A 487 -0.66 25.59 -10.80
CA GLU A 487 -1.70 24.94 -11.57
C GLU A 487 -1.34 23.48 -11.88
N ILE A 488 -0.06 23.21 -12.15
CA ILE A 488 0.38 21.85 -12.42
C ILE A 488 0.30 21.02 -11.15
N LEU A 489 0.49 21.66 -10.00
CA LEU A 489 0.35 21.02 -8.70
C LEU A 489 -1.05 20.46 -8.50
N SER A 490 -2.06 21.12 -9.05
CA SER A 490 -3.42 20.61 -8.96
C SER A 490 -3.71 19.59 -10.02
N ILE A 491 -3.07 19.72 -11.20
CA ILE A 491 -3.39 18.81 -12.30
C ILE A 491 -2.75 17.45 -12.07
N THR A 492 -1.54 17.41 -11.50
CA THR A 492 -0.88 16.13 -11.18
C THR A 492 -1.66 15.35 -10.14
N SER A 493 -2.30 16.06 -9.21
CA SER A 493 -3.11 15.39 -8.20
C SER A 493 -4.36 14.79 -8.80
N LEU A 494 -4.98 15.49 -9.75
CA LEU A 494 -6.17 14.95 -10.39
C LEU A 494 -5.83 13.84 -11.36
N LEU A 495 -4.60 13.82 -11.86
CA LEU A 495 -4.17 12.74 -12.73
C LEU A 495 -3.62 11.56 -11.96
N SER A 496 -3.41 11.71 -10.66
CA SER A 496 -2.98 10.61 -9.79
C SER A 496 -4.14 9.85 -9.18
N VAL A 497 -5.37 10.24 -9.50
CA VAL A 497 -6.56 9.59 -8.97
C VAL A 497 -7.38 9.15 -10.17
N PRO A 498 -8.41 8.30 -10.02
CA PRO A 498 -9.30 8.02 -11.14
C PRO A 498 -10.14 9.22 -11.54
N GLN A 499 -10.92 9.03 -12.60
CA GLN A 499 -11.66 10.14 -13.19
C GLN A 499 -12.78 10.58 -12.27
N ILE A 500 -12.93 11.91 -12.17
CA ILE A 500 -13.88 12.49 -11.23
C ILE A 500 -15.27 12.61 -11.81
N TRP A 501 -15.45 12.35 -13.10
CA TRP A 501 -16.75 12.53 -13.72
C TRP A 501 -17.69 11.40 -13.38
N VAL A 502 -18.90 11.75 -12.98
CA VAL A 502 -19.96 10.79 -12.71
C VAL A 502 -21.01 10.97 -13.80
N ARG A 503 -21.19 9.94 -14.63
CA ARG A 503 -22.18 9.96 -15.70
C ARG A 503 -23.09 8.74 -15.56
N PRO A 504 -24.13 8.84 -14.74
CA PRO A 504 -25.03 7.70 -14.56
C PRO A 504 -25.90 7.49 -15.78
N ALA A 505 -26.37 6.25 -15.94
CA ALA A 505 -27.14 5.89 -17.12
C ALA A 505 -28.53 6.53 -17.09
N ASN A 506 -29.03 6.86 -15.90
CA ASN A 506 -30.35 7.44 -15.80
C ASN A 506 -30.30 8.96 -15.83
N ALA A 507 -29.11 9.54 -15.81
CA ALA A 507 -28.95 10.98 -15.74
C ALA A 507 -27.80 11.48 -16.60
N ARG A 508 -27.74 11.05 -17.87
CA ARG A 508 -26.68 11.51 -18.76
C ARG A 508 -26.78 12.99 -19.05
N LYS A 509 -28.01 13.50 -19.23
CA LYS A 509 -28.19 14.89 -19.66
C LYS A 509 -27.80 15.87 -18.58
N ARG A 510 -28.22 15.60 -17.33
CA ARG A 510 -27.87 16.51 -16.25
C ARG A 510 -26.39 16.41 -15.90
N ALA A 511 -25.76 15.29 -16.24
CA ALA A 511 -24.33 15.15 -15.99
C ALA A 511 -23.51 15.98 -16.96
N ASP A 512 -23.91 15.99 -18.24
CA ASP A 512 -23.20 16.78 -19.22
C ASP A 512 -23.45 18.27 -19.03
N GLU A 513 -24.60 18.61 -18.44
CA GLU A 513 -24.91 20.02 -18.18
C GLU A 513 -23.99 20.59 -17.11
N MET A 514 -23.73 19.81 -16.05
CA MET A 514 -22.87 20.32 -14.99
C MET A 514 -21.41 20.28 -15.41
N LYS A 515 -21.06 19.35 -16.30
CA LYS A 515 -19.68 19.25 -16.78
C LYS A 515 -19.34 20.42 -17.68
N ALA A 516 -20.31 20.89 -18.45
CA ALA A 516 -20.07 21.98 -19.39
C ALA A 516 -19.89 23.32 -18.70
N GLN A 517 -20.18 23.41 -17.41
CA GLN A 517 -19.79 24.58 -16.64
C GLN A 517 -18.27 24.68 -16.52
N PHE A 518 -17.58 23.53 -16.51
CA PHE A 518 -16.14 23.51 -16.33
C PHE A 518 -15.38 23.26 -17.62
N ALA A 519 -16.07 23.12 -18.76
CA ALA A 519 -15.43 22.68 -19.98
C ALA A 519 -14.54 23.75 -20.57
N HIS A 520 -13.33 23.36 -20.95
CA HIS A 520 -12.38 24.22 -21.64
C HIS A 520 -12.20 23.69 -23.05
N PRO A 521 -12.29 24.54 -24.07
CA PRO A 521 -12.23 24.02 -25.44
C PRO A 521 -10.83 23.68 -25.92
N ASP A 522 -9.79 23.91 -25.10
CA ASP A 522 -8.44 23.68 -25.57
C ASP A 522 -7.84 22.40 -24.99
N GLY A 523 -8.37 21.92 -23.87
CA GLY A 523 -7.83 20.72 -23.28
C GLY A 523 -8.67 20.17 -22.15
N ASP A 524 -8.67 18.85 -22.01
CA ASP A 524 -9.39 18.21 -20.92
C ASP A 524 -8.67 18.41 -19.59
N HIS A 525 -7.37 18.69 -19.65
CA HIS A 525 -6.61 18.96 -18.43
C HIS A 525 -7.05 20.25 -17.78
N LEU A 526 -7.48 21.22 -18.60
CA LEU A 526 -7.98 22.47 -18.06
C LEU A 526 -9.39 22.31 -17.54
N THR A 527 -10.15 21.40 -18.13
CA THR A 527 -11.46 21.04 -17.61
C THR A 527 -11.35 20.39 -16.24
N LEU A 528 -10.31 19.57 -16.05
CA LEU A 528 -10.04 19.00 -14.73
C LEU A 528 -9.67 20.08 -13.73
N LEU A 529 -8.84 21.03 -14.16
CA LEU A 529 -8.38 22.08 -13.27
C LEU A 529 -9.51 23.03 -12.91
N ASN A 530 -10.46 23.22 -13.84
CA ASN A 530 -11.61 24.08 -13.57
C ASN A 530 -12.54 23.45 -12.56
N ALA A 531 -12.70 22.13 -12.64
CA ALA A 531 -13.61 21.43 -11.74
C ALA A 531 -13.04 21.36 -10.33
N TYR A 532 -11.73 21.22 -10.21
CA TYR A 532 -11.10 21.22 -8.90
C TYR A 532 -11.15 22.61 -8.28
N HIS A 533 -11.07 23.65 -9.11
CA HIS A 533 -11.19 25.01 -8.61
C HIS A 533 -12.59 25.31 -8.13
N ALA A 534 -13.60 24.74 -8.80
CA ALA A 534 -14.97 24.91 -8.36
C ALA A 534 -15.23 24.12 -7.08
N TYR A 535 -14.56 22.97 -6.92
CA TYR A 535 -14.65 22.21 -5.68
C TYR A 535 -14.06 23.01 -4.52
N LYS A 536 -12.88 23.57 -4.70
CA LYS A 536 -12.28 24.34 -3.64
C LYS A 536 -12.93 25.71 -3.47
N GLY A 537 -13.69 26.16 -4.48
CA GLY A 537 -14.40 27.42 -4.33
C GLY A 537 -15.65 27.27 -3.47
N ALA A 538 -16.43 26.22 -3.72
CA ALA A 538 -17.63 26.00 -2.93
C ALA A 538 -17.30 25.52 -1.54
N GLU A 539 -16.11 24.93 -1.36
CA GLU A 539 -15.69 24.49 -0.04
C GLU A 539 -15.40 25.69 0.86
N ALA A 540 -14.91 26.78 0.28
CA ALA A 540 -14.58 27.96 1.08
C ALA A 540 -15.84 28.72 1.47
N ARG A 541 -16.91 28.56 0.70
CA ARG A 541 -18.18 29.19 1.03
C ARG A 541 -18.85 28.54 2.23
N GLY A 542 -18.52 27.29 2.54
CA GLY A 542 -19.18 26.55 3.58
C GLY A 542 -20.17 25.52 3.11
N GLU A 543 -20.20 25.20 1.82
CA GLU A 543 -21.18 24.27 1.30
C GLU A 543 -20.80 22.84 1.67
N ASP A 544 -21.82 21.99 1.71
CA ASP A 544 -21.61 20.56 1.91
C ASP A 544 -21.07 19.97 0.61
N MET A 545 -19.84 19.48 0.65
CA MET A 545 -19.17 19.10 -0.57
C MET A 545 -19.66 17.76 -1.09
N LYS A 546 -20.15 16.91 -0.21
CA LYS A 546 -20.79 15.68 -0.66
C LYS A 546 -22.09 15.99 -1.39
N LYS A 547 -22.82 16.99 -0.91
CA LYS A 547 -24.02 17.43 -1.60
C LYS A 547 -23.65 18.19 -2.86
N TRP A 548 -22.52 18.90 -2.84
CA TRP A 548 -22.08 19.66 -3.99
C TRP A 548 -21.61 18.74 -5.11
N CYS A 549 -20.80 17.74 -4.76
CA CYS A 549 -20.24 16.84 -5.77
C CYS A 549 -21.32 15.94 -6.34
N HIS A 550 -22.34 15.63 -5.54
CA HIS A 550 -23.46 14.84 -6.05
C HIS A 550 -24.29 15.65 -7.04
N GLU A 551 -24.47 16.94 -6.77
CA GLU A 551 -25.28 17.76 -7.64
C GLU A 551 -24.51 18.19 -8.88
N HIS A 552 -23.19 18.33 -8.77
CA HIS A 552 -22.38 18.66 -9.91
C HIS A 552 -21.82 17.44 -10.62
N PHE A 553 -22.22 16.24 -10.19
CA PHE A 553 -21.90 14.96 -10.81
C PHE A 553 -20.40 14.71 -10.82
N LEU A 554 -19.76 15.00 -9.70
CA LEU A 554 -18.34 14.82 -9.50
C LEU A 554 -18.13 13.81 -8.38
N SER A 555 -17.04 13.07 -8.47
CA SER A 555 -16.72 12.09 -7.44
C SER A 555 -16.16 12.79 -6.22
N TYR A 556 -16.84 12.69 -5.09
CA TYR A 556 -16.35 13.31 -3.87
C TYR A 556 -15.10 12.63 -3.35
N ARG A 557 -15.03 11.30 -3.49
CA ARG A 557 -13.91 10.55 -2.95
C ARG A 557 -12.64 10.82 -3.73
N HIS A 558 -12.76 10.98 -5.05
CA HIS A 558 -11.58 11.23 -5.88
C HIS A 558 -11.13 12.67 -5.79
N LEU A 559 -12.08 13.60 -5.65
CA LEU A 559 -11.72 15.02 -5.56
C LEU A 559 -11.11 15.35 -4.22
N SER A 560 -11.60 14.71 -3.15
CA SER A 560 -11.03 14.96 -1.84
C SER A 560 -9.69 14.26 -1.68
N SER A 561 -9.49 13.15 -2.40
CA SER A 561 -8.19 12.49 -2.38
C SER A 561 -7.14 13.33 -3.08
N ALA A 562 -7.50 13.92 -4.22
CA ALA A 562 -6.57 14.76 -4.95
C ALA A 562 -6.26 16.04 -4.19
N ASP A 563 -7.18 16.50 -3.36
CA ASP A 563 -6.90 17.65 -2.51
C ASP A 563 -5.92 17.29 -1.40
N ASN A 564 -5.98 16.04 -0.93
CA ASN A 564 -5.02 15.60 0.09
C ASN A 564 -3.68 15.28 -0.54
N VAL A 565 -3.69 14.79 -1.78
CA VAL A 565 -2.44 14.55 -2.49
C VAL A 565 -1.74 15.87 -2.78
N ARG A 566 -2.50 16.88 -3.20
CA ARG A 566 -1.93 18.19 -3.53
C ARG A 566 -1.33 18.86 -2.32
N ALA A 567 -1.90 18.62 -1.13
CA ALA A 567 -1.29 19.13 0.08
C ALA A 567 0.01 18.40 0.40
N GLN A 568 0.08 17.12 0.05
CA GLN A 568 1.31 16.37 0.24
C GLN A 568 2.38 16.82 -0.74
N LEU A 569 1.99 16.99 -2.01
CA LEU A 569 2.94 17.34 -3.05
C LEU A 569 3.46 18.76 -2.87
N LYS A 570 2.64 19.64 -2.32
CA LYS A 570 3.06 21.02 -2.09
C LYS A 570 4.11 21.09 -1.01
N LYS A 571 4.05 20.19 -0.03
CA LYS A 571 5.01 20.23 1.06
C LYS A 571 6.37 19.70 0.61
N ILE A 572 6.36 18.74 -0.32
CA ILE A 572 7.61 18.10 -0.75
C ILE A 572 8.46 19.08 -1.56
N MET A 573 7.82 19.92 -2.36
CA MET A 573 8.58 20.90 -3.13
C MET A 573 9.08 22.02 -2.25
N GLU A 574 8.39 22.31 -1.16
CA GLU A 574 8.82 23.37 -0.26
C GLU A 574 10.04 22.95 0.54
N THR A 575 10.11 21.68 0.94
CA THR A 575 11.25 21.22 1.72
C THR A 575 12.47 20.98 0.84
N HIS A 576 12.27 20.88 -0.47
CA HIS A 576 13.38 20.69 -1.38
C HIS A 576 13.78 21.97 -2.10
N GLY A 577 13.23 23.11 -1.70
CA GLY A 577 13.67 24.37 -2.26
C GLY A 577 13.24 24.61 -3.68
N ILE A 578 12.05 24.15 -4.05
CA ILE A 578 11.53 24.33 -5.40
C ILE A 578 10.64 25.55 -5.39
N GLU A 579 10.75 26.38 -6.44
CA GLU A 579 9.90 27.56 -6.53
C GLU A 579 8.45 27.17 -6.77
N LEU A 580 7.53 27.96 -6.25
CA LEU A 580 6.10 27.75 -6.45
C LEU A 580 5.49 29.01 -7.04
N VAL A 581 5.43 29.07 -8.36
CA VAL A 581 5.01 30.27 -9.07
C VAL A 581 3.74 29.98 -9.85
N SER A 582 3.05 31.06 -10.23
CA SER A 582 1.91 30.96 -11.12
C SER A 582 1.78 32.29 -11.85
N THR A 583 1.27 32.23 -13.05
CA THR A 583 1.05 33.37 -13.89
C THR A 583 -0.35 33.93 -13.62
N PRO A 584 -0.52 35.25 -13.61
CA PRO A 584 -1.85 35.82 -13.45
C PRO A 584 -2.79 35.43 -14.58
N PHE A 585 -4.08 35.37 -14.26
CA PHE A 585 -5.05 34.73 -15.14
C PHE A 585 -5.27 35.50 -16.43
N HIS A 586 -5.14 36.81 -16.39
CA HIS A 586 -5.35 37.62 -17.57
C HIS A 586 -4.08 37.83 -18.39
N ASP A 587 -3.04 37.05 -18.10
CA ASP A 587 -1.89 37.00 -18.99
C ASP A 587 -2.29 36.38 -20.32
N LYS A 588 -1.57 36.78 -21.36
CA LYS A 588 -1.86 36.28 -22.69
C LYS A 588 -1.42 34.84 -22.84
N ASN A 589 -0.46 34.44 -22.03
CA ASN A 589 0.09 33.09 -22.06
C ASN A 589 -0.25 32.30 -20.82
N TYR A 590 -1.40 32.52 -20.19
CA TYR A 590 -1.78 31.75 -19.02
C TYR A 590 -2.09 30.31 -19.41
N TYR A 591 -2.92 30.12 -20.42
CA TYR A 591 -3.34 28.78 -20.77
C TYR A 591 -2.29 28.06 -21.59
N THR A 592 -1.54 28.80 -22.41
CA THR A 592 -0.51 28.17 -23.23
C THR A 592 0.65 27.69 -22.38
N ASN A 593 0.87 28.34 -21.23
CA ASN A 593 1.90 27.88 -20.31
C ASN A 593 1.54 26.52 -19.73
N ILE A 594 0.27 26.33 -19.37
CA ILE A 594 -0.17 25.09 -18.76
C ILE A 594 -0.18 23.98 -19.80
N ARG A 595 -0.58 24.29 -21.03
CA ARG A 595 -0.56 23.29 -22.09
C ARG A 595 0.86 22.95 -22.50
N ARG A 596 1.79 23.88 -22.30
CA ARG A 596 3.20 23.59 -22.55
C ARG A 596 3.75 22.67 -21.47
N ALA A 597 3.33 22.88 -20.21
CA ALA A 597 3.95 22.20 -19.09
C ALA A 597 3.55 20.72 -19.03
N LEU A 598 2.47 20.34 -19.71
CA LEU A 598 2.07 18.95 -19.74
C LEU A 598 3.06 18.10 -20.51
N LEU A 599 3.77 18.71 -21.46
CA LEU A 599 4.72 17.97 -22.27
C LEU A 599 6.00 17.66 -21.53
N ALA A 600 6.20 18.21 -20.33
CA ALA A 600 7.36 17.86 -19.54
C ALA A 600 7.28 16.45 -19.00
N GLY A 601 6.08 15.90 -18.90
CA GLY A 601 5.92 14.53 -18.45
C GLY A 601 5.27 13.64 -19.48
N PHE A 602 4.57 14.25 -20.44
CA PHE A 602 3.76 13.49 -21.38
C PHE A 602 4.14 13.76 -22.83
N PHE A 603 5.42 13.96 -23.10
CA PHE A 603 5.87 14.14 -24.47
C PHE A 603 5.80 12.84 -25.25
N MET A 604 5.84 11.70 -24.56
CA MET A 604 5.79 10.42 -25.24
C MET A 604 4.37 10.06 -25.64
N GLN A 605 3.39 10.66 -24.96
CA GLN A 605 1.98 10.42 -25.28
C GLN A 605 1.47 11.62 -26.07
N VAL A 606 1.75 11.59 -27.37
CA VAL A 606 1.41 12.65 -28.30
C VAL A 606 0.86 11.99 -29.56
N ALA A 607 -0.24 12.55 -30.09
CA ALA A 607 -0.85 12.06 -31.31
C ALA A 607 -0.82 13.13 -32.38
N MET A 608 -0.69 12.71 -33.63
CA MET A 608 -0.69 13.60 -34.78
C MET A 608 -1.77 13.16 -35.75
N ARG A 609 -2.55 14.12 -36.23
CA ARG A 609 -3.59 13.82 -37.21
C ARG A 609 -2.97 13.42 -38.53
N GLU A 610 -3.51 12.38 -39.15
CA GLU A 610 -2.95 11.88 -40.40
C GLU A 610 -3.25 12.84 -41.55
N SER A 611 -4.52 13.04 -41.85
CA SER A 611 -4.89 13.87 -42.98
C SER A 611 -5.99 14.81 -42.54
N SER A 612 -6.19 15.87 -43.32
CA SER A 612 -7.23 16.85 -43.00
C SER A 612 -8.62 16.27 -43.21
N ASN A 613 -8.73 15.25 -44.08
CA ASN A 613 -10.01 14.60 -44.30
C ASN A 613 -10.39 13.71 -43.12
N SER A 614 -9.40 13.05 -42.52
CA SER A 614 -9.65 12.06 -41.50
C SER A 614 -9.66 12.67 -40.10
N LYS A 615 -10.42 12.04 -39.22
CA LYS A 615 -10.36 12.30 -37.79
C LYS A 615 -9.44 11.33 -37.08
N VAL A 616 -8.73 10.49 -37.82
CA VAL A 616 -7.83 9.50 -37.25
C VAL A 616 -6.50 10.14 -36.91
N TYR A 617 -6.02 9.89 -35.70
CA TYR A 617 -4.73 10.39 -35.25
C TYR A 617 -3.77 9.21 -35.11
N LYS A 618 -2.48 9.49 -35.26
CA LYS A 618 -1.45 8.47 -35.12
C LYS A 618 -0.56 8.83 -33.94
N THR A 619 -0.32 7.85 -33.07
CA THR A 619 0.46 8.10 -31.87
C THR A 619 1.95 8.15 -32.17
N VAL A 620 2.68 8.86 -31.32
CA VAL A 620 4.13 8.91 -31.45
C VAL A 620 4.75 7.57 -31.05
N LYS A 621 4.38 7.06 -29.90
CA LYS A 621 4.87 5.78 -29.41
C LYS A 621 4.12 4.65 -30.09
N ASP A 622 4.86 3.79 -30.79
CA ASP A 622 4.43 2.54 -31.41
C ASP A 622 3.43 2.72 -32.55
N GLU A 623 3.21 3.94 -33.04
CA GLU A 623 2.54 4.23 -34.31
C GLU A 623 1.09 3.74 -34.35
N GLN A 624 0.42 3.82 -33.22
CA GLN A 624 -0.95 3.33 -33.15
C GLN A 624 -1.92 4.35 -33.74
N LEU A 625 -2.95 3.86 -34.41
CA LEU A 625 -3.99 4.70 -34.97
C LEU A 625 -5.14 4.84 -33.99
N VAL A 626 -5.46 6.07 -33.63
CA VAL A 626 -6.45 6.35 -32.59
C VAL A 626 -7.40 7.43 -33.05
N LEU A 627 -8.58 7.41 -32.46
CA LEU A 627 -9.53 8.51 -32.54
C LEU A 627 -9.49 9.31 -31.26
N ILE A 628 -10.01 10.51 -31.31
CA ILE A 628 -10.19 11.27 -30.09
C ILE A 628 -11.42 10.73 -29.38
N HIS A 629 -11.31 10.57 -28.07
CA HIS A 629 -12.41 10.02 -27.30
C HIS A 629 -13.57 11.01 -27.26
N PRO A 630 -14.81 10.54 -27.32
CA PRO A 630 -15.95 11.47 -27.35
C PRO A 630 -16.24 12.15 -26.03
N SER A 631 -15.50 11.85 -24.97
CA SER A 631 -15.66 12.57 -23.71
C SER A 631 -14.94 13.92 -23.69
N THR A 632 -14.45 14.38 -24.85
CA THR A 632 -13.55 15.52 -24.89
C THR A 632 -14.32 16.83 -24.79
N THR A 633 -13.73 17.79 -24.10
CA THR A 633 -14.23 19.16 -24.11
C THR A 633 -13.57 19.99 -25.20
N VAL A 634 -12.64 19.41 -25.95
CA VAL A 634 -12.01 20.09 -27.07
C VAL A 634 -12.99 20.06 -28.24
N THR A 635 -13.45 21.24 -28.65
CA THR A 635 -14.44 21.33 -29.72
C THR A 635 -13.80 21.01 -31.07
N THR A 636 -12.66 21.62 -31.34
CA THR A 636 -11.90 21.34 -32.56
C THR A 636 -10.48 20.98 -32.14
N PRO A 637 -10.04 19.76 -32.35
CA PRO A 637 -8.68 19.39 -31.97
C PRO A 637 -7.66 19.89 -32.96
N TYR A 638 -6.45 20.20 -32.47
CA TYR A 638 -5.37 20.62 -33.35
C TYR A 638 -4.85 19.43 -34.14
N GLU A 639 -3.88 19.68 -35.02
CA GLU A 639 -3.24 18.56 -35.71
C GLU A 639 -2.32 17.79 -34.77
N TRP A 640 -1.92 18.38 -33.66
CA TRP A 640 -1.12 17.71 -32.65
C TRP A 640 -1.78 17.86 -31.29
N VAL A 641 -1.88 16.76 -30.55
CA VAL A 641 -2.46 16.76 -29.21
C VAL A 641 -1.56 15.96 -28.27
N VAL A 642 -1.71 16.22 -26.98
CA VAL A 642 -1.14 15.40 -25.93
C VAL A 642 -2.30 14.67 -25.24
N TYR A 643 -2.07 13.43 -24.84
CA TYR A 643 -3.12 12.65 -24.20
C TYR A 643 -2.59 11.99 -22.94
N ASN A 644 -3.51 11.65 -22.04
CA ASN A 644 -3.13 11.05 -20.77
C ASN A 644 -3.29 9.54 -20.82
N GLU A 645 -4.27 9.06 -21.57
CA GLU A 645 -4.74 7.68 -21.45
C GLU A 645 -5.05 7.09 -22.81
N PHE A 646 -4.43 5.94 -23.10
CA PHE A 646 -4.80 5.11 -24.23
C PHE A 646 -5.99 4.27 -23.83
N VAL A 647 -7.04 4.29 -24.64
CA VAL A 647 -8.26 3.56 -24.36
C VAL A 647 -8.45 2.52 -25.44
N LEU A 648 -8.44 1.25 -25.05
CA LEU A 648 -8.69 0.17 -25.99
C LEU A 648 -10.08 -0.37 -25.70
N THR A 649 -10.92 -0.33 -26.73
CA THR A 649 -12.31 -0.75 -26.71
C THR A 649 -12.57 -1.33 -28.08
N THR A 650 -13.84 -1.32 -28.49
CA THR A 650 -14.18 -1.66 -29.87
C THR A 650 -13.46 -0.76 -30.88
N LYS A 651 -13.16 0.49 -30.50
CA LYS A 651 -12.26 1.35 -31.24
C LYS A 651 -11.14 1.84 -30.33
N GLN A 652 -9.99 2.14 -30.91
CA GLN A 652 -8.86 2.66 -30.15
C GLN A 652 -8.97 4.17 -30.00
N TYR A 653 -8.95 4.65 -28.76
CA TYR A 653 -9.13 6.07 -28.47
C TYR A 653 -7.97 6.59 -27.65
N VAL A 654 -7.91 7.92 -27.51
CA VAL A 654 -7.06 8.59 -26.54
C VAL A 654 -7.93 9.51 -25.70
N ARG A 655 -7.78 9.44 -24.39
CA ARG A 655 -8.61 10.17 -23.45
C ARG A 655 -7.78 11.21 -22.71
N THR A 656 -8.48 12.24 -22.23
CA THR A 656 -7.92 13.41 -21.56
C THR A 656 -6.92 14.10 -22.47
N VAL A 657 -7.45 14.73 -23.52
CA VAL A 657 -6.69 15.23 -24.66
C VAL A 657 -6.60 16.75 -24.60
N THR A 658 -5.39 17.28 -24.82
CA THR A 658 -5.14 18.71 -24.82
C THR A 658 -4.38 19.11 -26.09
N ASN A 659 -4.83 20.19 -26.72
CA ASN A 659 -4.21 20.69 -27.95
C ASN A 659 -2.83 21.27 -27.66
N ILE A 660 -1.86 20.91 -28.51
CA ILE A 660 -0.50 21.41 -28.37
C ILE A 660 0.00 21.89 -29.73
N ARG A 661 1.08 22.66 -29.69
CA ARG A 661 1.84 23.05 -30.87
C ARG A 661 3.01 22.12 -31.06
N PRO A 662 3.28 21.66 -32.28
CA PRO A 662 4.35 20.66 -32.48
C PRO A 662 5.74 21.22 -32.26
N GLU A 663 5.90 22.54 -32.30
CA GLU A 663 7.18 23.15 -32.03
C GLU A 663 7.53 23.07 -30.55
N TRP A 664 6.55 22.80 -29.69
CA TRP A 664 6.82 22.64 -28.28
C TRP A 664 7.49 21.31 -28.00
N LEU A 665 7.26 20.32 -28.85
CA LEU A 665 7.85 19.01 -28.67
C LEU A 665 9.36 19.06 -28.83
N LEU A 666 9.84 19.85 -29.78
CA LEU A 666 11.27 19.96 -30.01
C LEU A 666 11.93 20.81 -28.94
N GLU A 667 11.16 21.72 -28.34
CA GLU A 667 11.71 22.61 -27.33
C GLU A 667 11.81 21.90 -25.98
N ILE A 668 10.76 21.17 -25.60
CA ILE A 668 10.68 20.66 -24.25
C ILE A 668 11.41 19.32 -24.12
N ALA A 669 11.24 18.44 -25.09
CA ALA A 669 11.88 17.12 -25.06
C ALA A 669 12.74 16.95 -26.31
N PRO A 670 13.93 17.54 -26.31
CA PRO A 670 14.77 17.45 -27.52
C PRO A 670 15.47 16.12 -27.67
N VAL A 671 15.72 15.41 -26.57
CA VAL A 671 16.45 14.15 -26.64
C VAL A 671 15.56 13.05 -27.23
N TYR A 672 14.30 13.02 -26.80
CA TYR A 672 13.36 12.08 -27.40
C TYR A 672 13.03 12.46 -28.83
N TYR A 673 12.90 13.76 -29.09
CA TYR A 673 12.59 14.25 -30.43
C TYR A 673 13.84 14.70 -31.17
N ASP A 674 14.97 14.06 -30.91
CA ASP A 674 16.16 14.27 -31.72
C ASP A 674 15.91 13.76 -33.13
N LEU A 675 15.82 14.69 -34.08
CA LEU A 675 15.51 14.33 -35.45
C LEU A 675 16.67 13.69 -36.17
N SER A 676 17.87 13.77 -35.59
CA SER A 676 19.02 13.08 -36.14
C SER A 676 18.82 11.57 -36.12
N THR A 677 18.32 11.05 -35.00
CA THR A 677 18.18 9.62 -34.79
C THR A 677 16.72 9.18 -34.69
N PHE A 678 15.78 10.03 -35.06
CA PHE A 678 14.37 9.69 -34.94
C PHE A 678 13.98 8.65 -35.98
N GLN A 679 12.90 7.94 -35.70
CA GLN A 679 12.42 6.91 -36.62
C GLN A 679 11.88 7.55 -37.89
N LYS A 680 12.22 6.96 -39.03
CA LYS A 680 11.65 7.35 -40.31
C LYS A 680 10.14 7.16 -40.31
N GLY A 681 9.45 8.07 -40.97
CA GLY A 681 8.00 8.02 -41.00
C GLY A 681 7.40 9.39 -41.17
N GLU A 682 6.07 9.40 -41.21
CA GLU A 682 5.35 10.64 -41.52
C GLU A 682 5.40 11.62 -40.35
N ILE A 683 5.48 11.11 -39.12
CA ILE A 683 5.57 11.99 -37.97
C ILE A 683 6.93 12.69 -37.95
N LYS A 684 7.99 12.00 -38.37
CA LYS A 684 9.30 12.63 -38.46
C LYS A 684 9.32 13.68 -39.55
N ASN A 685 8.75 13.37 -40.71
CA ASN A 685 8.71 14.30 -41.82
C ASN A 685 7.88 15.54 -41.48
N ALA A 686 6.80 15.35 -40.72
CA ALA A 686 6.01 16.50 -40.29
C ALA A 686 6.75 17.32 -39.25
N LEU A 687 7.62 16.67 -38.46
CA LEU A 687 8.32 17.39 -37.41
C LEU A 687 9.51 18.15 -37.98
N THR A 688 10.17 17.61 -38.99
CA THR A 688 11.29 18.33 -39.61
C THR A 688 10.80 19.54 -40.39
N ARG A 689 9.58 19.46 -40.91
CA ARG A 689 8.98 20.62 -41.56
C ARG A 689 8.69 21.72 -40.55
N VAL A 690 8.30 21.35 -39.34
CA VAL A 690 8.05 22.33 -38.28
C VAL A 690 9.35 23.01 -37.88
N ALA A 691 10.43 22.24 -37.79
CA ALA A 691 11.73 22.80 -37.45
C ALA A 691 12.27 23.67 -38.58
N GLU A 692 11.95 23.32 -39.83
CA GLU A 692 12.38 24.14 -40.95
C GLU A 692 11.53 25.39 -41.07
N LYS A 693 10.24 25.30 -40.72
CA LYS A 693 9.35 26.45 -40.87
C LYS A 693 9.68 27.53 -39.85
N ILE A 694 10.08 27.12 -38.65
CA ILE A 694 10.48 28.13 -37.67
C ILE A 694 11.90 28.61 -37.98
N ARG A 695 12.64 27.84 -38.77
CA ARG A 695 13.97 28.27 -39.16
C ARG A 695 13.91 29.39 -40.19
N ARG A 696 13.08 29.21 -41.23
CA ARG A 696 12.95 30.24 -42.24
C ARG A 696 12.15 31.43 -41.71
N GLN A 697 11.37 31.23 -40.64
CA GLN A 697 10.63 32.33 -40.05
C GLN A 697 11.54 33.25 -39.24
N GLN A 698 12.44 32.66 -38.45
CA GLN A 698 13.30 33.49 -37.60
C GLN A 698 14.44 34.09 -38.38
N ALA A 699 14.88 33.43 -39.45
CA ALA A 699 16.02 33.92 -40.21
C ALA A 699 15.65 35.12 -41.07
N MET A 700 14.43 35.14 -41.62
CA MET A 700 14.01 36.26 -42.44
C MET A 700 13.69 37.47 -41.59
N LYS A 701 13.32 37.25 -40.33
CA LYS A 701 13.13 38.38 -39.43
C LYS A 701 14.46 38.90 -38.90
N ALA A 702 15.51 38.08 -38.99
CA ALA A 702 16.85 38.58 -38.73
C ALA A 702 17.34 39.45 -39.88
N SER A 703 16.82 39.20 -41.09
CA SER A 703 17.17 39.99 -42.25
C SER A 703 16.52 41.36 -42.18
#